data_6XOV
#
_entry.id   6XOV
#
_cell.length_a   1.00
_cell.length_b   1.00
_cell.length_c   1.00
_cell.angle_alpha   90.00
_cell.angle_beta   90.00
_cell.angle_gamma   90.00
#
_symmetry.space_group_name_H-M   'P 1'
#
loop_
_entity.id
_entity.type
_entity.pdbx_description
1 polymer 'Presequence protease, mitochondrial'
2 polymer 'Amyloid-beta precursor protein'
3 polymer 'Amyloid-beta precursor protein'
#
loop_
_entity_poly.entity_id
_entity_poly.type
_entity_poly.pdbx_seq_one_letter_code
_entity_poly.pdbx_strand_id
1 'polypeptide(L)'
;MHHHHHHAAACERALQYKLGDKIHGFTVNQVTSVPELFLTAVKLTHDDTGARYLHLAREDTNNLFSVQFRTTPMDSTGVP
HILEHTVLCGSQKYPCRDPFFKMLNRSLSTFMNAFTASDYTLYPFSTQNPKDFQNLLSVYLDATFFPCLRELDFWQEGWR
LEHENPSDPQTPLVFKGVVFNEMKGAFTDNERIFSQHLQNRLLPDHTYSVVSGGDPLCIPELTWEQLKQFHATHYHPSNA
RFFTYGNFPLEQHLKQIHEEALSKFQKIEPSTVVPAQTPWDKPREFQITCGPDSFATDPSKQTTVSVSFLLPDITDTFEA
FTLSLLSSLLTSGPNSPFYKALIESGLGTDFSPDVGYNGYTREAYFSVGLQGIVEKDIETVRSLIDRTIDEVVEKGFEDD
RIEALLHKIEIQMKHQSTSFGLMLTSYIASCWNHDGDPVELLKLGNQLAKFRQCLQENPKFLQEKVKQYFKNNQHKLTLS
MRPDDKYHEKQAQVEATKLKQKVEALSPGDRQQIYEKGLELRSQQSKPQDASCLPALKVSDIEPTIPVTELDVVLTAGDI
PVQYCAQPTNGMVYFRAFSSLNTLPEELRPYVPLFCSVLTKLGCGLLDYREQAQQIELKTGGMSASPHVLPDDSHMDTYE
QGVLFSSLCLDRNLPDMMQLWSEIFNNPCFEEEEHFKVLVKMTAQELANGIPDSGHLYASIRAGRTLTPAGDLQETFSGM
DQVRLMKRIAEMTDIKPILRKLPRIKKHLLNGDNMRCSVNATPQQMPQTEKAVEDFLRSIGRSKKERRPVRPHTVEKPVP
SSSGGDAHVPHGSQVIRKLVMEPTFKPWQMKTHFLMPFPVNYVGECIRTVPYTDPDHASLKILARLMTAKFLHTEIREKG
GAYGGGAKLSHNGIFTLYSYRDPNTIETLQSFGKAVDWAKSGKFTQQDIDEAKLSVFSTVDAPVAPSDKGMDHFLYGLSD
EMKQAHREQLFAVSHDKLLAVSDRYLGTGKSTHGLAILGPENPKIAKDPSWIIR
;
A
2 'polypeptide(L)' DAEFRHDSGYEVHHQKLVFFAEDVGSNKGAIIGLMVGGVV B
3 'polypeptide(L)' (UNK)(UNK)(UNK) C
#
# COMPACT_ATOMS: atom_id res chain seq x y z
N ALA A 9 9.86 -7.76 31.12
CA ALA A 9 9.18 -7.62 29.83
C ALA A 9 8.35 -6.34 29.81
N ALA A 10 8.02 -5.87 28.61
CA ALA A 10 7.29 -4.62 28.48
C ALA A 10 5.92 -4.71 29.14
N CYS A 11 5.20 -5.81 28.91
CA CYS A 11 3.82 -5.91 29.38
C CYS A 11 3.75 -5.92 30.90
N GLU A 12 4.63 -6.69 31.55
CA GLU A 12 4.56 -6.84 33.00
C GLU A 12 4.79 -5.51 33.71
N ARG A 13 5.86 -4.81 33.34
CA ARG A 13 6.11 -3.49 33.90
C ARG A 13 4.99 -2.52 33.56
N ALA A 14 4.54 -2.53 32.30
CA ALA A 14 3.50 -1.61 31.87
C ALA A 14 2.19 -1.83 32.60
N LEU A 15 1.95 -3.02 33.13
CA LEU A 15 0.75 -3.28 33.89
C LEU A 15 0.83 -2.74 35.32
N GLN A 16 1.78 -1.86 35.61
CA GLN A 16 2.03 -1.37 36.97
C GLN A 16 1.88 0.14 37.06
N TYR A 17 0.81 0.68 36.48
CA TYR A 17 0.45 2.09 36.65
C TYR A 17 -0.81 2.19 37.48
N LYS A 18 -0.76 2.98 38.55
CA LYS A 18 -1.90 3.16 39.44
C LYS A 18 -2.78 4.31 38.94
N LEU A 19 -4.08 4.17 39.17
CA LEU A 19 -5.03 5.18 38.74
C LEU A 19 -4.75 6.51 39.43
N GLY A 20 -4.67 7.58 38.64
CA GLY A 20 -4.46 8.90 39.19
C GLY A 20 -3.02 9.33 39.34
N ASP A 21 -2.09 8.72 38.62
CA ASP A 21 -0.68 9.07 38.76
C ASP A 21 -0.31 10.16 37.76
N LYS A 22 0.28 11.25 38.26
CA LYS A 22 0.75 12.33 37.41
C LYS A 22 2.14 11.99 36.90
N ILE A 23 2.30 11.97 35.58
CA ILE A 23 3.54 11.56 34.94
C ILE A 23 3.95 12.66 33.96
N HIS A 24 4.87 13.52 34.38
CA HIS A 24 5.38 14.61 33.54
C HIS A 24 4.25 15.50 33.03
N GLY A 25 3.28 15.78 33.89
CA GLY A 25 2.14 16.58 33.53
C GLY A 25 0.98 15.82 32.93
N PHE A 26 1.15 14.53 32.66
CA PHE A 26 0.06 13.69 32.19
C PHE A 26 -0.71 13.15 33.40
N THR A 27 -1.75 12.38 33.13
CA THR A 27 -2.55 11.78 34.19
C THR A 27 -2.95 10.37 33.79
N VAL A 28 -3.03 9.47 34.76
CA VAL A 28 -3.43 8.09 34.50
C VAL A 28 -4.93 7.96 34.67
N ASN A 29 -5.60 7.44 33.65
CA ASN A 29 -7.05 7.29 33.68
C ASN A 29 -7.51 5.85 33.54
N GLN A 30 -6.88 5.05 32.67
CA GLN A 30 -7.32 3.68 32.48
C GLN A 30 -6.17 2.84 31.94
N VAL A 31 -5.96 1.68 32.56
CA VAL A 31 -5.00 0.70 32.08
C VAL A 31 -5.70 -0.64 31.97
N THR A 32 -5.40 -1.38 30.89
CA THR A 32 -6.05 -2.65 30.66
C THR A 32 -5.08 -3.59 29.97
N SER A 33 -5.29 -4.89 30.16
CA SER A 33 -4.49 -5.89 29.50
C SER A 33 -5.21 -6.44 28.28
N VAL A 34 -4.43 -6.77 27.25
CA VAL A 34 -4.97 -7.38 26.04
C VAL A 34 -4.15 -8.64 25.79
N PRO A 35 -4.52 -9.78 26.40
CA PRO A 35 -3.70 -10.98 26.27
C PRO A 35 -3.81 -11.65 24.92
N GLU A 36 -4.98 -11.60 24.28
CA GLU A 36 -5.09 -12.15 22.94
C GLU A 36 -4.19 -11.42 21.95
N LEU A 37 -3.79 -10.19 22.27
CA LEU A 37 -2.79 -9.47 21.50
C LEU A 37 -1.45 -9.37 22.19
N PHE A 38 -1.35 -9.80 23.46
CA PHE A 38 -0.12 -9.73 24.24
C PHE A 38 0.38 -8.29 24.34
N LEU A 39 -0.42 -7.42 24.96
CA LEU A 39 0.02 -6.06 25.17
C LEU A 39 -0.78 -5.44 26.31
N THR A 40 -0.46 -4.18 26.61
CA THR A 40 -1.13 -3.44 27.67
C THR A 40 -1.45 -2.04 27.16
N ALA A 41 -2.69 -1.62 27.35
CA ALA A 41 -3.17 -0.33 26.88
C ALA A 41 -3.29 0.64 28.04
N VAL A 42 -2.74 1.83 27.85
CA VAL A 42 -2.77 2.89 28.86
C VAL A 42 -3.31 4.17 28.23
N LYS A 43 -4.23 4.83 28.94
CA LYS A 43 -4.87 6.06 28.48
C LYS A 43 -4.46 7.19 29.43
N LEU A 44 -3.93 8.26 28.87
CA LEU A 44 -3.45 9.40 29.63
C LEU A 44 -3.96 10.70 29.02
N THR A 45 -4.14 11.72 29.85
CA THR A 45 -4.55 13.04 29.39
C THR A 45 -3.74 14.10 30.11
N HIS A 46 -3.33 15.12 29.36
CA HIS A 46 -2.53 16.19 29.94
C HIS A 46 -3.41 17.13 30.75
N ASP A 47 -2.89 17.59 31.87
CA ASP A 47 -3.68 18.41 32.78
C ASP A 47 -3.99 19.79 32.22
N ASP A 48 -3.27 20.22 31.18
CA ASP A 48 -3.46 21.56 30.65
C ASP A 48 -3.94 21.58 29.21
N THR A 49 -3.26 20.89 28.30
CA THR A 49 -3.56 21.00 26.88
C THR A 49 -4.59 19.97 26.39
N GLY A 50 -4.98 19.02 27.23
CA GLY A 50 -6.07 18.13 26.91
C GLY A 50 -5.79 17.07 25.86
N ALA A 51 -4.57 16.99 25.35
CA ALA A 51 -4.26 15.99 24.33
C ALA A 51 -4.34 14.58 24.92
N ARG A 52 -4.88 13.66 24.14
CA ARG A 52 -5.04 12.28 24.58
C ARG A 52 -3.82 11.46 24.18
N TYR A 53 -3.41 10.58 25.08
CA TYR A 53 -2.27 9.69 24.88
C TYR A 53 -2.73 8.25 25.04
N LEU A 54 -2.40 7.42 24.06
CA LEU A 54 -2.64 5.99 24.15
C LEU A 54 -1.31 5.27 24.00
N HIS A 55 -1.00 4.38 24.94
CA HIS A 55 0.24 3.62 24.91
C HIS A 55 -0.08 2.14 24.84
N LEU A 56 0.35 1.49 23.77
CA LEU A 56 0.18 0.06 23.59
C LEU A 56 1.54 -0.61 23.82
N ALA A 57 1.84 -0.88 25.09
CA ALA A 57 3.11 -1.48 25.47
C ALA A 57 3.09 -2.96 25.13
N ARG A 58 4.02 -3.38 24.27
CA ARG A 58 4.05 -4.74 23.76
C ARG A 58 5.49 -5.12 23.46
N GLU A 59 5.88 -6.33 23.85
CA GLU A 59 7.28 -6.74 23.78
C GLU A 59 7.71 -6.99 22.34
N ASP A 60 7.76 -5.92 21.55
CA ASP A 60 8.34 -5.95 20.22
C ASP A 60 9.26 -4.77 20.07
N THR A 61 10.35 -4.95 19.31
CA THR A 61 11.34 -3.90 19.19
C THR A 61 10.83 -2.73 18.35
N ASN A 62 10.15 -3.03 17.24
CA ASN A 62 9.79 -2.01 16.26
C ASN A 62 8.67 -1.15 16.83
N ASN A 63 9.08 -0.11 17.55
CA ASN A 63 8.13 0.75 18.24
C ASN A 63 7.65 1.87 17.33
N LEU A 64 6.47 2.39 17.65
CA LEU A 64 5.81 3.36 16.79
C LEU A 64 5.23 4.49 17.61
N PHE A 65 5.28 5.71 17.07
CA PHE A 65 4.67 6.88 17.66
C PHE A 65 3.90 7.61 16.59
N SER A 66 2.68 8.04 16.91
CA SER A 66 1.82 8.73 15.95
C SER A 66 1.07 9.84 16.64
N VAL A 67 0.94 10.96 15.94
CA VAL A 67 0.19 12.13 16.42
C VAL A 67 -0.92 12.42 15.43
N GLN A 68 -2.14 12.60 15.94
CA GLN A 68 -3.32 12.76 15.11
C GLN A 68 -4.01 14.09 15.37
N PHE A 69 -4.46 14.72 14.29
CA PHE A 69 -5.10 16.04 14.31
C PHE A 69 -6.36 15.97 13.49
N ARG A 70 -7.52 16.18 14.12
CA ARG A 70 -8.78 16.14 13.40
C ARG A 70 -8.88 17.35 12.48
N THR A 71 -8.75 17.13 11.17
CA THR A 71 -8.87 18.19 10.18
C THR A 71 -10.22 18.04 9.49
N THR A 72 -11.14 18.96 9.76
CA THR A 72 -12.47 18.92 9.16
C THR A 72 -12.63 20.05 8.14
N PRO A 73 -12.24 19.84 6.89
CA PRO A 73 -12.39 20.91 5.90
C PRO A 73 -13.85 21.21 5.64
N MET A 74 -14.10 22.42 5.13
CA MET A 74 -15.45 22.84 4.77
C MET A 74 -15.56 23.23 3.30
N ASP A 75 -14.59 22.85 2.47
CA ASP A 75 -14.58 23.19 1.06
C ASP A 75 -13.67 22.21 0.35
N SER A 76 -13.63 22.31 -0.99
CA SER A 76 -12.79 21.46 -1.81
C SER A 76 -11.49 22.12 -2.19
N THR A 77 -11.11 23.20 -1.49
CA THR A 77 -9.85 23.89 -1.80
C THR A 77 -8.66 22.98 -1.58
N GLY A 78 -8.68 22.18 -0.51
CA GLY A 78 -7.62 21.24 -0.26
C GLY A 78 -6.62 21.74 0.75
N VAL A 79 -7.11 22.39 1.80
CA VAL A 79 -6.24 22.99 2.81
C VAL A 79 -5.66 21.97 3.78
N PRO A 80 -6.40 20.98 4.29
CA PRO A 80 -5.75 20.09 5.27
C PRO A 80 -4.66 19.24 4.66
N HIS A 81 -4.87 18.77 3.43
CA HIS A 81 -3.85 17.97 2.76
C HIS A 81 -2.57 18.78 2.54
N ILE A 82 -2.70 20.03 2.11
CA ILE A 82 -1.51 20.83 1.85
C ILE A 82 -0.83 21.25 3.15
N LEU A 83 -1.61 21.62 4.16
CA LEU A 83 -1.03 21.87 5.48
C LEU A 83 -0.20 20.68 5.94
N GLU A 84 -0.75 19.48 5.80
CA GLU A 84 0.03 18.29 6.12
C GLU A 84 1.24 18.14 5.21
N HIS A 85 1.07 18.44 3.93
CA HIS A 85 2.08 18.16 2.92
C HIS A 85 3.27 19.11 3.03
N THR A 86 3.07 20.27 3.65
CA THR A 86 4.06 21.35 3.65
C THR A 86 4.80 21.50 4.96
N VAL A 87 4.20 21.13 6.09
CA VAL A 87 4.85 21.25 7.39
C VAL A 87 6.10 20.37 7.44
N LEU A 88 6.34 19.61 6.36
CA LEU A 88 7.57 18.87 6.18
C LEU A 88 8.59 19.64 5.35
N CYS A 89 8.62 20.96 5.45
CA CYS A 89 9.59 21.77 4.74
C CYS A 89 10.20 22.86 5.63
N GLY A 90 10.21 22.66 6.93
CA GLY A 90 10.89 23.55 7.84
C GLY A 90 10.13 23.72 9.14
N SER A 91 10.81 24.26 10.14
CA SER A 91 10.21 24.55 11.43
C SER A 91 11.10 25.56 12.15
N GLN A 92 10.80 25.81 13.42
CA GLN A 92 11.60 26.76 14.20
C GLN A 92 12.93 26.14 14.59
N LYS A 93 12.90 25.05 15.34
CA LYS A 93 14.13 24.46 15.86
C LYS A 93 15.04 23.97 14.74
N TYR A 94 14.48 23.58 13.61
CA TYR A 94 15.24 23.04 12.48
C TYR A 94 14.88 23.79 11.22
N PRO A 95 15.27 25.06 11.12
CA PRO A 95 14.81 25.89 10.00
C PRO A 95 15.42 25.49 8.68
N CYS A 96 16.17 24.40 8.66
CA CYS A 96 16.74 23.92 7.41
C CYS A 96 15.64 23.55 6.44
N ARG A 97 15.97 23.64 5.16
CA ARG A 97 15.04 23.25 4.12
C ARG A 97 14.83 21.74 4.13
N ASP A 98 13.56 21.32 4.10
CA ASP A 98 13.18 19.92 3.97
C ASP A 98 13.73 19.09 5.13
N PRO A 99 13.19 19.23 6.34
CA PRO A 99 13.64 18.38 7.44
C PRO A 99 13.23 16.92 7.30
N PHE A 100 12.22 16.61 6.50
CA PHE A 100 11.72 15.24 6.45
C PHE A 100 12.58 14.37 5.56
N PHE A 101 12.68 14.72 4.28
CA PHE A 101 13.46 13.94 3.33
C PHE A 101 14.95 14.11 3.53
N LYS A 102 15.37 14.81 4.58
CA LYS A 102 16.72 14.77 5.08
C LYS A 102 16.88 13.83 6.27
N MET A 103 15.86 13.73 7.12
CA MET A 103 15.84 12.70 8.15
C MET A 103 15.58 11.32 7.57
N LEU A 104 15.18 11.23 6.29
CA LEU A 104 15.19 9.94 5.61
C LEU A 104 16.59 9.46 5.29
N ASN A 105 17.63 10.14 5.78
CA ASN A 105 19.00 9.65 5.61
C ASN A 105 19.83 9.85 6.87
N ARG A 106 19.19 10.19 8.00
CA ARG A 106 19.89 10.38 9.25
C ARG A 106 19.22 9.60 10.37
N SER A 107 18.66 8.44 10.03
CA SER A 107 17.90 7.66 11.00
C SER A 107 17.89 6.20 10.59
N LEU A 108 17.64 5.34 11.57
CA LEU A 108 17.52 3.90 11.36
C LEU A 108 16.07 3.46 11.25
N SER A 109 15.15 4.41 11.14
CA SER A 109 13.73 4.11 11.12
C SER A 109 13.36 3.27 9.90
N THR A 110 12.52 2.27 10.13
CA THR A 110 12.01 1.45 9.04
C THR A 110 10.74 2.01 8.44
N PHE A 111 9.95 2.76 9.21
CA PHE A 111 8.80 3.48 8.67
C PHE A 111 8.83 4.91 9.16
N MET A 112 8.71 5.86 8.25
CA MET A 112 8.64 7.27 8.64
C MET A 112 7.86 7.99 7.55
N ASN A 113 6.57 8.19 7.78
CA ASN A 113 5.68 8.65 6.73
C ASN A 113 4.38 9.11 7.37
N ALA A 114 3.62 9.93 6.65
CA ALA A 114 2.44 10.60 7.23
C ALA A 114 1.23 10.48 6.32
N PHE A 115 0.04 10.44 6.90
CA PHE A 115 -1.20 10.15 6.20
C PHE A 115 -2.26 11.20 6.54
N THR A 116 -3.21 11.41 5.64
CA THR A 116 -4.35 12.28 5.88
C THR A 116 -5.59 11.69 5.23
N ALA A 117 -6.63 11.49 6.02
CA ALA A 117 -7.90 10.97 5.54
C ALA A 117 -9.01 11.98 5.84
N SER A 118 -10.22 11.63 5.39
CA SER A 118 -11.35 12.55 5.25
C SER A 118 -11.45 13.57 6.38
N ASP A 119 -11.53 13.10 7.61
CA ASP A 119 -11.73 13.96 8.76
C ASP A 119 -10.63 13.83 9.80
N TYR A 120 -9.39 13.56 9.37
CA TYR A 120 -8.26 13.55 10.29
C TYR A 120 -6.96 13.51 9.51
N THR A 121 -5.88 13.82 10.20
CA THR A 121 -4.54 13.60 9.68
C THR A 121 -3.70 12.99 10.79
N LEU A 122 -2.66 12.26 10.39
CA LEU A 122 -1.98 11.38 11.34
C LEU A 122 -0.55 11.18 10.87
N TYR A 123 0.39 11.55 11.75
CA TYR A 123 1.81 11.43 11.48
C TYR A 123 2.35 10.29 12.33
N PRO A 124 2.48 9.09 11.78
CA PRO A 124 3.17 8.02 12.49
C PRO A 124 4.62 7.85 12.06
N PHE A 125 5.41 7.14 12.86
CA PHE A 125 6.72 6.66 12.46
C PHE A 125 7.14 5.57 13.42
N SER A 126 7.80 4.55 12.89
CA SER A 126 8.21 3.38 13.66
C SER A 126 9.66 3.03 13.36
N THR A 127 10.39 2.71 14.41
CA THR A 127 11.83 2.52 14.41
C THR A 127 12.21 1.58 15.55
N GLN A 128 13.50 1.24 15.62
CA GLN A 128 13.98 0.25 16.57
C GLN A 128 15.06 0.76 17.53
N ASN A 129 15.81 1.79 17.14
CA ASN A 129 16.93 2.26 17.95
C ASN A 129 16.48 3.43 18.81
N PRO A 130 16.47 3.30 20.14
CA PRO A 130 15.81 4.32 20.99
C PRO A 130 16.30 5.75 20.80
N LYS A 131 17.61 5.94 20.60
CA LYS A 131 18.11 7.30 20.36
C LYS A 131 17.52 7.87 19.07
N ASP A 132 17.44 7.05 18.03
CA ASP A 132 16.80 7.48 16.79
C ASP A 132 15.33 7.79 17.01
N PHE A 133 14.66 7.02 17.86
CA PHE A 133 13.27 7.29 18.19
C PHE A 133 13.14 8.66 18.83
N GLN A 134 14.02 8.98 19.78
CA GLN A 134 13.96 10.29 20.43
C GLN A 134 14.20 11.41 19.43
N ASN A 135 15.20 11.23 18.56
CA ASN A 135 15.51 12.26 17.57
C ASN A 135 14.32 12.54 16.68
N LEU A 136 13.72 11.49 16.11
CA LEU A 136 12.62 11.71 15.18
C LEU A 136 11.35 12.17 15.89
N LEU A 137 11.14 11.75 17.13
CA LEU A 137 10.01 12.28 17.89
C LEU A 137 10.16 13.77 18.09
N SER A 138 11.36 14.24 18.42
CA SER A 138 11.58 15.68 18.54
C SER A 138 11.35 16.38 17.20
N VAL A 139 11.81 15.77 16.11
CA VAL A 139 11.64 16.39 14.80
C VAL A 139 10.17 16.57 14.46
N TYR A 140 9.34 15.53 14.65
CA TYR A 140 7.92 15.70 14.42
C TYR A 140 7.26 16.70 15.36
N LEU A 141 7.56 16.62 16.67
CA LEU A 141 6.95 17.56 17.59
C LEU A 141 7.18 18.99 17.13
N ASP A 142 8.44 19.32 16.81
CA ASP A 142 8.73 20.68 16.40
C ASP A 142 8.15 21.01 15.03
N ALA A 143 8.22 20.07 14.08
CA ALA A 143 7.85 20.36 12.71
C ALA A 143 6.35 20.27 12.45
N THR A 144 5.55 19.87 13.45
CA THR A 144 4.10 20.03 13.36
C THR A 144 3.58 21.11 14.28
N PHE A 145 3.99 21.14 15.56
CA PHE A 145 3.45 22.15 16.44
C PHE A 145 4.04 23.53 16.20
N PHE A 146 5.28 23.62 15.74
CA PHE A 146 5.96 24.89 15.51
C PHE A 146 6.63 24.90 14.14
N PRO A 147 5.85 24.94 13.06
CA PRO A 147 6.45 25.08 11.74
C PRO A 147 6.52 26.52 11.30
N CYS A 148 7.60 26.86 10.59
CA CYS A 148 7.70 28.15 9.92
C CYS A 148 7.07 27.96 8.55
N LEU A 149 5.86 28.50 8.37
CA LEU A 149 5.11 28.30 7.14
C LEU A 149 5.54 29.32 6.09
N ARG A 150 6.72 29.07 5.53
CA ARG A 150 7.24 29.93 4.47
C ARG A 150 6.25 29.93 3.32
N GLU A 151 5.95 31.13 2.80
CA GLU A 151 5.08 31.21 1.65
C GLU A 151 5.71 30.51 0.44
N LEU A 152 7.04 30.57 0.33
CA LEU A 152 7.69 29.89 -0.78
C LEU A 152 7.56 28.38 -0.68
N ASP A 153 7.53 27.83 0.53
CA ASP A 153 7.27 26.40 0.66
C ASP A 153 5.86 26.04 0.21
N PHE A 154 4.88 26.90 0.50
CA PHE A 154 3.55 26.69 -0.05
C PHE A 154 3.55 26.76 -1.56
N TRP A 155 4.28 27.72 -2.14
CA TRP A 155 4.37 27.80 -3.59
C TRP A 155 4.97 26.53 -4.18
N GLN A 156 6.05 26.05 -3.60
CA GLN A 156 6.69 24.84 -4.10
C GLN A 156 5.78 23.63 -3.94
N GLU A 157 5.07 23.55 -2.82
CA GLU A 157 4.56 22.26 -2.36
C GLU A 157 3.07 22.15 -2.62
N GLY A 158 2.35 23.27 -2.49
CA GLY A 158 0.94 23.35 -2.85
C GLY A 158 0.80 23.72 -4.31
N TRP A 159 0.21 24.87 -4.62
CA TRP A 159 0.10 25.33 -5.99
C TRP A 159 0.80 26.68 -6.13
N ARG A 160 1.21 26.99 -7.35
CA ARG A 160 1.85 28.27 -7.63
C ARG A 160 1.74 28.56 -9.12
N LEU A 161 1.98 29.81 -9.48
CA LEU A 161 2.10 30.21 -10.88
C LEU A 161 3.58 30.26 -11.25
N GLU A 162 3.89 29.79 -12.45
CA GLU A 162 5.29 29.78 -12.87
C GLU A 162 5.34 29.68 -14.38
N HIS A 163 6.30 30.36 -14.99
CA HIS A 163 6.51 30.25 -16.42
C HIS A 163 7.03 28.85 -16.75
N GLU A 164 7.22 28.60 -18.04
CA GLU A 164 7.93 27.37 -18.42
C GLU A 164 9.42 27.45 -18.11
N ASN A 165 9.91 28.61 -17.71
CA ASN A 165 11.27 28.83 -17.26
C ASN A 165 11.26 30.00 -16.30
N PRO A 166 11.50 29.77 -15.00
CA PRO A 166 11.47 30.89 -14.04
C PRO A 166 12.50 31.97 -14.32
N SER A 167 13.46 31.72 -15.21
CA SER A 167 14.42 32.74 -15.61
C SER A 167 13.93 33.58 -16.78
N ASP A 168 13.08 33.03 -17.63
CA ASP A 168 12.59 33.73 -18.81
C ASP A 168 11.16 34.19 -18.59
N PRO A 169 10.90 35.50 -18.55
CA PRO A 169 9.53 35.98 -18.40
C PRO A 169 8.73 35.99 -19.69
N GLN A 170 9.24 35.41 -20.78
CA GLN A 170 8.59 35.47 -22.08
C GLN A 170 7.89 34.16 -22.45
N THR A 171 7.51 33.35 -21.46
CA THR A 171 6.78 32.12 -21.68
C THR A 171 5.61 32.03 -20.70
N PRO A 172 4.49 31.44 -21.10
CA PRO A 172 3.24 31.60 -20.34
C PRO A 172 3.32 31.06 -18.92
N LEU A 173 2.50 31.66 -18.06
CA LEU A 173 2.39 31.28 -16.66
C LEU A 173 1.38 30.15 -16.52
N VAL A 174 1.85 28.97 -16.11
CA VAL A 174 0.98 27.83 -15.87
C VAL A 174 1.07 27.48 -14.39
N PHE A 175 0.11 26.66 -13.96
CA PHE A 175 0.13 26.17 -12.59
C PHE A 175 1.24 25.13 -12.43
N LYS A 176 1.83 25.11 -11.23
CA LYS A 176 2.80 24.10 -10.86
C LYS A 176 2.56 23.73 -9.40
N GLY A 177 3.02 22.56 -9.03
CA GLY A 177 2.89 22.10 -7.65
C GLY A 177 3.07 20.62 -7.55
N VAL A 178 3.12 20.14 -6.31
CA VAL A 178 3.26 18.72 -6.02
C VAL A 178 1.94 18.13 -5.56
N VAL A 179 1.22 18.81 -4.65
CA VAL A 179 -0.11 18.36 -4.28
C VAL A 179 -1.02 18.35 -5.49
N PHE A 180 -0.81 19.28 -6.42
CA PHE A 180 -1.64 19.38 -7.61
C PHE A 180 -1.54 18.12 -8.47
N ASN A 181 -0.31 17.71 -8.80
CA ASN A 181 -0.12 16.49 -9.57
C ASN A 181 -0.43 15.26 -8.75
N GLU A 182 -0.24 15.32 -7.42
CA GLU A 182 -0.62 14.20 -6.57
C GLU A 182 -2.10 13.90 -6.69
N MET A 183 -2.94 14.93 -6.60
CA MET A 183 -4.37 14.71 -6.73
C MET A 183 -4.78 14.38 -8.16
N LYS A 184 -4.09 14.95 -9.15
CA LYS A 184 -4.34 14.53 -10.53
C LYS A 184 -4.14 13.02 -10.68
N GLY A 185 -3.04 12.51 -10.15
CA GLY A 185 -2.81 11.07 -10.21
C GLY A 185 -3.80 10.28 -9.38
N ALA A 186 -4.12 10.77 -8.18
CA ALA A 186 -5.04 10.05 -7.30
C ALA A 186 -6.41 9.89 -7.93
N PHE A 187 -6.88 10.92 -8.66
CA PHE A 187 -8.15 10.84 -9.35
C PHE A 187 -7.99 10.45 -10.81
N THR A 188 -6.80 9.99 -11.20
CA THR A 188 -6.70 9.13 -12.37
C THR A 188 -7.37 7.78 -12.13
N ASP A 189 -7.65 7.45 -10.86
CA ASP A 189 -8.16 6.16 -10.45
C ASP A 189 -9.68 6.16 -10.47
N ASN A 190 -10.26 5.36 -11.37
CA ASN A 190 -11.72 5.32 -11.49
C ASN A 190 -12.38 4.85 -10.20
N GLU A 191 -11.77 3.88 -9.52
CA GLU A 191 -12.27 3.48 -8.21
C GLU A 191 -12.32 4.67 -7.27
N ARG A 192 -11.30 5.52 -7.31
CA ARG A 192 -11.27 6.67 -6.41
C ARG A 192 -12.33 7.70 -6.82
N ILE A 193 -12.53 7.90 -8.12
CA ILE A 193 -13.59 8.78 -8.59
C ILE A 193 -14.94 8.31 -8.05
N PHE A 194 -15.22 7.02 -8.23
CA PHE A 194 -16.50 6.45 -7.81
C PHE A 194 -16.67 6.58 -6.30
N SER A 195 -15.65 6.21 -5.53
CA SER A 195 -15.78 6.26 -4.09
C SER A 195 -15.92 7.69 -3.59
N GLN A 196 -15.23 8.64 -4.22
CA GLN A 196 -15.34 10.04 -3.85
C GLN A 196 -16.76 10.54 -4.09
N HIS A 197 -17.28 10.31 -5.30
CA HIS A 197 -18.64 10.74 -5.60
C HIS A 197 -19.64 10.07 -4.69
N LEU A 198 -19.46 8.78 -4.40
CA LEU A 198 -20.39 8.08 -3.54
C LEU A 198 -20.39 8.68 -2.14
N GLN A 199 -19.21 8.92 -1.58
CA GLN A 199 -19.16 9.47 -0.23
C GLN A 199 -19.74 10.87 -0.20
N ASN A 200 -19.50 11.67 -1.24
CA ASN A 200 -20.06 13.02 -1.29
C ASN A 200 -21.58 12.98 -1.36
N ARG A 201 -22.12 12.16 -2.26
CA ARG A 201 -23.56 12.11 -2.44
C ARG A 201 -24.27 11.56 -1.20
N LEU A 202 -23.82 10.40 -0.71
CA LEU A 202 -24.51 9.78 0.41
C LEU A 202 -24.35 10.61 1.67
N LEU A 203 -23.30 11.43 1.74
CA LEU A 203 -23.04 12.28 2.90
C LEU A 203 -22.82 13.70 2.42
N PRO A 204 -23.87 14.39 1.99
CA PRO A 204 -23.70 15.73 1.42
C PRO A 204 -23.85 16.83 2.45
N ASP A 205 -24.25 16.45 3.65
CA ASP A 205 -24.61 17.44 4.66
C ASP A 205 -23.43 18.28 5.13
N HIS A 206 -22.25 17.68 5.26
CA HIS A 206 -21.18 18.30 6.01
C HIS A 206 -19.86 17.87 5.37
N THR A 207 -18.76 17.98 6.12
CA THR A 207 -17.40 17.89 5.58
C THR A 207 -17.19 16.76 4.58
N TYR A 208 -17.93 15.67 4.70
CA TYR A 208 -17.76 14.59 3.72
C TYR A 208 -18.30 14.96 2.36
N SER A 209 -19.03 16.07 2.25
CA SER A 209 -19.57 16.51 0.97
C SER A 209 -18.48 17.00 0.02
N VAL A 210 -17.32 17.38 0.54
CA VAL A 210 -16.29 18.04 -0.25
C VAL A 210 -15.05 17.15 -0.29
N VAL A 211 -14.29 17.29 -1.38
CA VAL A 211 -13.12 16.46 -1.59
C VAL A 211 -12.00 16.95 -0.66
N SER A 212 -11.83 16.27 0.47
CA SER A 212 -10.84 16.70 1.45
C SER A 212 -9.44 16.71 0.88
N GLY A 213 -9.17 15.83 -0.09
CA GLY A 213 -7.89 15.89 -0.77
C GLY A 213 -7.76 17.05 -1.74
N GLY A 214 -8.85 17.77 -2.00
CA GLY A 214 -8.79 18.92 -2.87
C GLY A 214 -8.98 18.56 -4.34
N ASP A 215 -9.93 19.22 -5.00
CA ASP A 215 -10.11 18.80 -6.38
C ASP A 215 -9.10 19.51 -7.29
N PRO A 216 -8.55 18.80 -8.28
CA PRO A 216 -7.61 19.43 -9.20
C PRO A 216 -8.16 20.64 -9.95
N LEU A 217 -9.44 20.95 -9.78
CA LEU A 217 -10.02 22.18 -10.30
C LEU A 217 -10.24 23.22 -9.21
N CYS A 218 -10.18 22.83 -7.94
CA CYS A 218 -10.54 23.72 -6.85
C CYS A 218 -9.35 24.04 -5.94
N ILE A 219 -8.17 23.52 -6.24
CA ILE A 219 -6.95 23.86 -5.50
C ILE A 219 -6.63 25.34 -5.62
N PRO A 220 -6.62 25.95 -6.83
CA PRO A 220 -6.14 27.34 -6.93
C PRO A 220 -6.89 28.37 -6.11
N GLU A 221 -8.03 28.01 -5.52
CA GLU A 221 -8.75 28.97 -4.69
C GLU A 221 -8.21 29.03 -3.27
N LEU A 222 -7.04 28.46 -3.01
CA LEU A 222 -6.47 28.43 -1.67
C LEU A 222 -5.34 29.43 -1.57
N THR A 223 -5.38 30.25 -0.52
CA THR A 223 -4.40 31.30 -0.29
C THR A 223 -3.64 31.04 1.00
N TRP A 224 -2.49 31.70 1.12
CA TRP A 224 -1.57 31.42 2.22
C TRP A 224 -2.20 31.73 3.57
N GLU A 225 -2.94 32.84 3.67
CA GLU A 225 -3.53 33.21 4.95
C GLU A 225 -4.58 32.19 5.40
N GLN A 226 -5.38 31.66 4.46
CA GLN A 226 -6.30 30.59 4.80
C GLN A 226 -5.55 29.42 5.41
N LEU A 227 -4.42 29.07 4.82
CA LEU A 227 -3.60 27.97 5.33
C LEU A 227 -3.14 28.25 6.75
N LYS A 228 -2.63 29.46 6.99
CA LYS A 228 -2.15 29.79 8.33
C LYS A 228 -3.28 29.74 9.35
N GLN A 229 -4.49 30.17 8.96
CA GLN A 229 -5.60 30.13 9.90
C GLN A 229 -6.06 28.70 10.18
N PHE A 230 -6.10 27.87 9.13
CA PHE A 230 -6.41 26.46 9.31
C PHE A 230 -5.44 25.82 10.29
N HIS A 231 -4.14 26.12 10.13
CA HIS A 231 -3.16 25.60 11.08
C HIS A 231 -3.42 26.11 12.48
N ALA A 232 -3.58 27.42 12.63
CA ALA A 232 -3.74 28.00 13.96
C ALA A 232 -4.98 27.47 14.67
N THR A 233 -5.99 27.05 13.92
CA THR A 233 -7.19 26.51 14.56
C THR A 233 -7.10 25.01 14.81
N HIS A 234 -6.50 24.27 13.90
CA HIS A 234 -6.62 22.81 13.88
C HIS A 234 -5.45 22.09 14.53
N TYR A 235 -4.22 22.60 14.42
CA TYR A 235 -3.05 21.90 14.91
C TYR A 235 -2.73 22.26 16.36
N HIS A 236 -3.58 22.98 17.03
CA HIS A 236 -3.34 23.22 18.44
C HIS A 236 -3.47 21.90 19.21
N PRO A 237 -2.60 21.65 20.19
CA PRO A 237 -2.57 20.31 20.81
C PRO A 237 -3.82 19.93 21.59
N SER A 238 -4.84 20.77 21.60
CA SER A 238 -6.14 20.28 22.06
C SER A 238 -6.82 19.42 21.02
N ASN A 239 -6.34 19.46 19.78
CA ASN A 239 -6.81 18.59 18.71
C ASN A 239 -5.79 17.48 18.44
N ALA A 240 -5.13 16.99 19.48
CA ALA A 240 -4.01 16.06 19.33
C ALA A 240 -4.31 14.75 20.02
N ARG A 241 -4.16 13.66 19.28
CA ARG A 241 -4.27 12.30 19.80
C ARG A 241 -2.89 11.68 19.69
N PHE A 242 -2.31 11.28 20.81
CA PHE A 242 -0.98 10.69 20.84
C PHE A 242 -1.09 9.19 21.05
N PHE A 243 -0.43 8.42 20.20
CA PHE A 243 -0.53 6.96 20.25
C PHE A 243 0.86 6.38 20.10
N THR A 244 1.30 5.61 21.11
CA THR A 244 2.62 5.01 21.08
C THR A 244 2.51 3.53 21.39
N TYR A 245 3.39 2.76 20.75
CA TYR A 245 3.30 1.31 20.74
C TYR A 245 4.69 0.72 20.86
N GLY A 246 4.93 -0.06 21.91
CA GLY A 246 6.11 -0.90 21.96
C GLY A 246 6.75 -0.94 23.33
N ASN A 247 8.01 -1.35 23.33
CA ASN A 247 8.71 -1.77 24.55
C ASN A 247 9.55 -0.69 25.20
N PHE A 248 9.87 0.41 24.50
CA PHE A 248 10.61 1.48 25.13
C PHE A 248 9.83 2.04 26.31
N PRO A 249 10.50 2.55 27.32
CA PRO A 249 9.80 3.07 28.49
C PRO A 249 8.85 4.20 28.12
N LEU A 250 7.93 4.48 29.05
CA LEU A 250 6.93 5.51 28.86
C LEU A 250 7.43 6.88 29.27
N GLU A 251 8.24 6.93 30.32
CA GLU A 251 8.76 8.19 30.82
C GLU A 251 9.52 8.95 29.75
N GLN A 252 10.24 8.25 28.88
CA GLN A 252 10.97 8.93 27.81
C GLN A 252 10.02 9.71 26.91
N HIS A 253 9.00 9.02 26.38
CA HIS A 253 8.06 9.65 25.47
C HIS A 253 7.38 10.84 26.12
N LEU A 254 6.82 10.62 27.32
CA LEU A 254 6.06 11.69 27.97
C LEU A 254 6.94 12.85 28.38
N LYS A 255 8.12 12.59 28.94
CA LYS A 255 9.01 13.68 29.32
C LYS A 255 9.39 14.50 28.11
N GLN A 256 9.80 13.84 27.03
CA GLN A 256 10.19 14.59 25.84
C GLN A 256 9.04 15.42 25.29
N ILE A 257 7.84 14.82 25.20
CA ILE A 257 6.71 15.56 24.65
C ILE A 257 6.38 16.76 25.52
N HIS A 258 6.17 16.54 26.81
CA HIS A 258 5.72 17.63 27.67
C HIS A 258 6.76 18.74 27.73
N GLU A 259 8.03 18.39 27.90
CA GLU A 259 9.06 19.39 28.05
C GLU A 259 9.68 19.80 26.73
N GLU A 260 9.04 19.49 25.61
CA GLU A 260 9.50 20.03 24.34
C GLU A 260 8.45 20.87 23.64
N ALA A 261 7.20 20.41 23.56
CA ALA A 261 6.16 21.12 22.81
C ALA A 261 4.98 21.55 23.66
N LEU A 262 4.39 20.64 24.43
CA LEU A 262 3.12 20.92 25.10
C LEU A 262 3.21 22.07 26.10
N SER A 263 4.40 22.38 26.61
CA SER A 263 4.51 23.43 27.61
C SER A 263 4.22 24.82 27.04
N LYS A 264 4.24 24.97 25.71
CA LYS A 264 4.11 26.28 25.08
C LYS A 264 2.70 26.53 24.54
N PHE A 265 1.71 25.75 24.94
CA PHE A 265 0.33 25.98 24.57
C PHE A 265 -0.55 26.05 25.81
N GLN A 266 -1.79 26.48 25.61
CA GLN A 266 -2.78 26.54 26.67
C GLN A 266 -4.10 25.97 26.14
N LYS A 267 -5.00 25.64 27.06
CA LYS A 267 -6.21 24.93 26.69
C LYS A 267 -7.16 25.81 25.89
N ILE A 268 -7.71 25.24 24.82
CA ILE A 268 -8.82 25.82 24.07
C ILE A 268 -9.88 24.74 23.93
N GLU A 269 -10.95 25.03 23.20
CA GLU A 269 -11.92 24.02 22.83
C GLU A 269 -11.89 23.83 21.32
N PRO A 270 -11.56 22.64 20.82
CA PRO A 270 -11.42 22.45 19.37
C PRO A 270 -12.77 22.27 18.69
N SER A 271 -13.42 23.40 18.39
CA SER A 271 -14.77 23.39 17.84
C SER A 271 -14.68 22.92 16.39
N THR A 272 -14.49 21.60 16.24
CA THR A 272 -14.28 20.98 14.95
C THR A 272 -15.09 19.70 14.75
N VAL A 273 -15.86 19.28 15.76
CA VAL A 273 -16.58 18.01 15.72
C VAL A 273 -17.45 17.93 14.48
N VAL A 274 -17.46 16.77 13.84
CA VAL A 274 -18.32 16.52 12.68
C VAL A 274 -19.68 16.07 13.20
N PRO A 275 -20.78 16.71 12.80
CA PRO A 275 -22.10 16.32 13.28
C PRO A 275 -22.72 15.24 12.39
N ALA A 276 -23.77 14.61 12.93
CA ALA A 276 -24.39 13.49 12.25
C ALA A 276 -25.04 13.93 10.94
N GLN A 277 -25.07 13.01 9.98
CA GLN A 277 -25.74 13.26 8.72
C GLN A 277 -27.24 13.08 8.90
N THR A 278 -28.02 13.99 8.31
CA THR A 278 -29.46 13.94 8.51
C THR A 278 -30.06 12.75 7.76
N PRO A 279 -31.03 12.07 8.35
CA PRO A 279 -31.62 10.89 7.69
C PRO A 279 -32.50 11.30 6.52
N TRP A 280 -32.32 10.61 5.40
CA TRP A 280 -33.23 10.81 4.28
C TRP A 280 -34.57 10.14 4.56
N ASP A 281 -35.56 10.45 3.72
CA ASP A 281 -36.84 9.77 3.76
C ASP A 281 -37.25 9.20 2.41
N LYS A 282 -36.52 9.50 1.34
CA LYS A 282 -36.81 8.95 0.02
C LYS A 282 -35.51 8.47 -0.60
N PRO A 283 -35.46 7.24 -1.09
CA PRO A 283 -34.26 6.78 -1.80
C PRO A 283 -33.96 7.69 -2.97
N ARG A 284 -32.68 7.98 -3.17
CA ARG A 284 -32.24 8.89 -4.20
C ARG A 284 -31.55 8.13 -5.32
N GLU A 285 -31.03 8.89 -6.28
CA GLU A 285 -30.37 8.35 -7.46
C GLU A 285 -29.62 9.49 -8.12
N PHE A 286 -28.49 9.17 -8.73
CA PHE A 286 -27.64 10.20 -9.31
C PHE A 286 -26.96 9.64 -10.55
N GLN A 287 -25.97 10.37 -11.04
CA GLN A 287 -25.21 9.94 -12.21
C GLN A 287 -23.92 10.73 -12.32
N ILE A 288 -22.81 10.02 -12.50
CA ILE A 288 -21.48 10.61 -12.61
C ILE A 288 -20.83 10.03 -13.85
N THR A 289 -19.77 10.67 -14.33
CA THR A 289 -19.09 10.21 -15.53
C THR A 289 -17.59 10.20 -15.27
N CYS A 290 -16.87 9.31 -15.94
CA CYS A 290 -15.46 9.10 -15.64
C CYS A 290 -14.69 8.94 -16.94
N GLY A 291 -13.42 8.54 -16.83
CA GLY A 291 -12.55 8.34 -17.95
C GLY A 291 -12.77 7.00 -18.61
N PRO A 292 -12.21 6.81 -19.81
CA PRO A 292 -12.54 5.64 -20.62
C PRO A 292 -11.86 4.36 -20.15
N ASP A 293 -12.17 3.26 -20.81
CA ASP A 293 -11.52 2.02 -20.44
C ASP A 293 -10.23 1.91 -21.25
N SER A 294 -9.17 1.47 -20.58
CA SER A 294 -7.84 1.36 -21.17
C SER A 294 -7.99 0.41 -22.36
N PHE A 295 -7.40 0.83 -23.49
CA PHE A 295 -7.36 0.13 -24.80
C PHE A 295 -8.63 -0.39 -25.52
N ALA A 296 -8.55 -1.61 -26.04
CA ALA A 296 -9.62 -2.20 -26.84
C ALA A 296 -10.61 -2.74 -25.83
N THR A 297 -11.57 -1.92 -25.44
CA THR A 297 -12.59 -2.31 -24.48
C THR A 297 -13.95 -1.85 -24.98
N ASP A 298 -14.87 -2.80 -25.12
CA ASP A 298 -16.22 -2.50 -25.60
C ASP A 298 -16.88 -1.38 -24.79
N PRO A 299 -17.19 -0.27 -25.46
CA PRO A 299 -17.81 0.92 -24.86
C PRO A 299 -19.17 0.62 -24.22
N SER A 300 -19.92 -0.29 -24.82
CA SER A 300 -21.24 -0.65 -24.31
C SER A 300 -21.21 -1.00 -22.83
N LYS A 301 -20.45 -2.03 -22.49
CA LYS A 301 -20.36 -2.50 -21.10
C LYS A 301 -19.26 -1.90 -20.22
N GLN A 302 -19.49 -0.69 -19.71
CA GLN A 302 -18.54 -0.07 -18.79
C GLN A 302 -19.23 0.68 -17.66
N THR A 303 -20.54 0.51 -17.54
CA THR A 303 -21.31 1.18 -16.51
C THR A 303 -21.07 0.50 -15.17
N THR A 304 -21.29 1.26 -14.09
CA THR A 304 -21.14 0.76 -12.73
C THR A 304 -22.37 1.21 -11.94
N VAL A 305 -22.79 0.37 -11.00
CA VAL A 305 -23.97 0.65 -10.18
C VAL A 305 -23.64 0.28 -8.74
N SER A 306 -24.31 0.97 -7.82
CA SER A 306 -24.22 0.63 -6.41
C SER A 306 -25.57 0.86 -5.76
N VAL A 307 -25.78 0.21 -4.62
CA VAL A 307 -26.90 0.54 -3.75
C VAL A 307 -26.35 0.58 -2.33
N SER A 308 -26.07 1.79 -1.84
CA SER A 308 -25.29 1.97 -0.62
C SER A 308 -26.20 2.44 0.50
N PHE A 309 -26.18 1.74 1.62
CA PHE A 309 -27.06 2.05 2.73
C PHE A 309 -26.30 2.85 3.78
N LEU A 310 -26.98 3.19 4.86
CA LEU A 310 -26.38 3.98 5.94
C LEU A 310 -26.52 3.22 7.25
N LEU A 311 -25.41 2.97 7.90
CA LEU A 311 -25.33 2.20 9.12
C LEU A 311 -25.16 3.13 10.31
N PRO A 312 -25.36 2.64 11.53
CA PRO A 312 -25.24 3.52 12.70
C PRO A 312 -23.81 4.03 12.90
N ASP A 313 -23.68 4.97 13.81
CA ASP A 313 -22.38 5.56 14.11
C ASP A 313 -21.47 4.54 14.78
N ILE A 314 -20.17 4.77 14.67
CA ILE A 314 -19.18 3.81 15.14
C ILE A 314 -18.79 4.13 16.58
N THR A 315 -19.56 4.99 17.24
CA THR A 315 -19.37 5.17 18.67
C THR A 315 -19.75 3.92 19.45
N ASP A 316 -20.81 3.23 19.01
CA ASP A 316 -21.21 1.95 19.59
C ASP A 316 -20.38 0.86 18.91
N THR A 317 -19.39 0.33 19.63
CA THR A 317 -18.43 -0.58 19.02
C THR A 317 -19.09 -1.89 18.59
N PHE A 318 -19.96 -2.44 19.44
CA PHE A 318 -20.51 -3.76 19.18
C PHE A 318 -21.38 -3.77 17.92
N GLU A 319 -22.17 -2.71 17.73
CA GLU A 319 -23.03 -2.65 16.55
C GLU A 319 -22.20 -2.63 15.27
N ALA A 320 -21.13 -1.85 15.27
CA ALA A 320 -20.23 -1.83 14.12
C ALA A 320 -19.56 -3.17 13.90
N PHE A 321 -19.17 -3.84 15.00
CA PHE A 321 -18.61 -5.19 14.90
C PHE A 321 -19.57 -6.13 14.21
N THR A 322 -20.81 -6.18 14.70
CA THR A 322 -21.82 -7.07 14.14
C THR A 322 -22.08 -6.76 12.68
N LEU A 323 -22.18 -5.48 12.34
CA LEU A 323 -22.49 -5.11 10.96
C LEU A 323 -21.32 -5.36 10.03
N SER A 324 -20.09 -5.23 10.52
CA SER A 324 -18.94 -5.60 9.71
C SER A 324 -18.95 -7.09 9.41
N LEU A 325 -19.20 -7.91 10.44
CA LEU A 325 -19.34 -9.35 10.21
C LEU A 325 -20.45 -9.63 9.21
N LEU A 326 -21.59 -8.97 9.36
CA LEU A 326 -22.74 -9.22 8.49
C LEU A 326 -22.42 -8.84 7.05
N SER A 327 -21.73 -7.72 6.85
CA SER A 327 -21.36 -7.31 5.50
C SER A 327 -20.40 -8.31 4.88
N SER A 328 -19.42 -8.79 5.65
CA SER A 328 -18.52 -9.82 5.14
C SER A 328 -19.30 -11.08 4.78
N LEU A 329 -20.30 -11.43 5.59
CA LEU A 329 -21.15 -12.58 5.30
C LEU A 329 -21.89 -12.40 3.99
N LEU A 330 -22.44 -11.20 3.76
CA LEU A 330 -23.26 -10.93 2.58
C LEU A 330 -22.43 -10.81 1.31
N THR A 331 -21.17 -10.40 1.40
CA THR A 331 -20.42 -10.03 0.21
C THR A 331 -19.31 -11.01 -0.18
N SER A 332 -18.65 -11.64 0.79
CA SER A 332 -17.37 -12.30 0.55
C SER A 332 -17.57 -13.77 0.24
N GLY A 333 -16.96 -14.22 -0.85
CA GLY A 333 -16.91 -15.64 -1.17
C GLY A 333 -18.01 -16.10 -2.10
N PRO A 334 -17.76 -17.16 -2.86
CA PRO A 334 -18.78 -17.69 -3.77
C PRO A 334 -19.95 -18.32 -3.03
N ASN A 335 -19.89 -18.35 -1.71
CA ASN A 335 -21.01 -18.78 -0.87
C ASN A 335 -21.76 -17.61 -0.27
N SER A 336 -21.57 -16.40 -0.78
CA SER A 336 -22.35 -15.32 -0.19
C SER A 336 -23.56 -15.01 -1.06
N PRO A 337 -24.67 -14.59 -0.44
CA PRO A 337 -25.89 -14.31 -1.19
C PRO A 337 -25.68 -13.44 -2.42
N PHE A 338 -24.93 -12.35 -2.24
CA PHE A 338 -24.75 -11.41 -3.34
C PHE A 338 -23.82 -11.96 -4.40
N TYR A 339 -22.92 -12.87 -4.05
CA TYR A 339 -22.09 -13.50 -5.06
C TYR A 339 -22.94 -14.37 -5.99
N LYS A 340 -23.81 -15.19 -5.41
CA LYS A 340 -24.66 -16.04 -6.23
C LYS A 340 -25.68 -15.23 -7.01
N ALA A 341 -26.23 -14.18 -6.40
CA ALA A 341 -27.23 -13.37 -7.07
C ALA A 341 -26.60 -12.54 -8.19
N LEU A 342 -25.60 -11.72 -7.86
CA LEU A 342 -25.08 -10.71 -8.76
C LEU A 342 -23.93 -11.21 -9.63
N ILE A 343 -22.90 -11.80 -9.02
CA ILE A 343 -21.68 -12.13 -9.76
C ILE A 343 -21.97 -13.18 -10.82
N GLU A 344 -22.66 -14.25 -10.45
CA GLU A 344 -22.94 -15.33 -11.39
C GLU A 344 -24.15 -15.04 -12.27
N SER A 345 -24.82 -13.91 -12.09
CA SER A 345 -25.91 -13.53 -12.96
C SER A 345 -25.47 -13.32 -14.41
N GLY A 346 -24.17 -13.14 -14.65
CA GLY A 346 -23.68 -12.97 -16.00
C GLY A 346 -23.73 -11.56 -16.52
N LEU A 347 -23.96 -10.57 -15.66
CA LEU A 347 -24.07 -9.18 -16.07
C LEU A 347 -22.78 -8.41 -15.85
N GLY A 348 -22.29 -8.37 -14.62
CA GLY A 348 -21.12 -7.59 -14.27
C GLY A 348 -19.84 -8.32 -14.52
N THR A 349 -18.75 -7.77 -13.96
CA THR A 349 -17.45 -8.41 -14.00
C THR A 349 -16.76 -8.45 -12.64
N ASP A 350 -17.30 -7.76 -11.64
CA ASP A 350 -16.73 -7.78 -10.30
C ASP A 350 -17.72 -7.00 -9.43
N PHE A 351 -17.49 -6.94 -8.12
CA PHE A 351 -18.28 -6.07 -7.28
C PHE A 351 -17.96 -4.61 -7.58
N SER A 352 -18.64 -3.72 -6.88
CA SER A 352 -18.40 -2.29 -7.04
C SER A 352 -17.24 -1.85 -6.15
N PRO A 353 -16.62 -0.73 -6.47
CA PRO A 353 -15.64 -0.16 -5.55
C PRO A 353 -16.27 0.12 -4.18
N ASP A 354 -15.46 -0.05 -3.15
CA ASP A 354 -15.89 0.11 -1.75
C ASP A 354 -16.95 -0.90 -1.35
N VAL A 355 -17.01 -2.04 -2.06
CA VAL A 355 -18.01 -3.06 -1.75
C VAL A 355 -17.80 -3.57 -0.33
N GLY A 356 -18.89 -3.90 0.33
CA GLY A 356 -18.83 -4.32 1.71
C GLY A 356 -18.73 -3.15 2.66
N TYR A 357 -18.56 -3.49 3.92
CA TYR A 357 -18.56 -2.49 4.99
C TYR A 357 -17.48 -1.45 4.76
N ASN A 358 -17.79 -0.21 5.15
CA ASN A 358 -16.85 0.91 5.12
C ASN A 358 -17.13 1.78 6.34
N GLY A 359 -16.30 1.64 7.38
CA GLY A 359 -16.48 2.40 8.59
C GLY A 359 -15.54 3.58 8.69
N TYR A 360 -15.00 4.00 7.53
CA TYR A 360 -14.07 5.12 7.50
C TYR A 360 -14.72 6.40 8.00
N THR A 361 -15.96 6.66 7.61
CA THR A 361 -16.64 7.90 7.91
C THR A 361 -17.18 7.87 9.34
N ARG A 362 -18.01 8.85 9.68
CA ARG A 362 -18.62 8.87 11.01
C ARG A 362 -19.67 7.78 11.17
N GLU A 363 -20.42 7.49 10.11
CA GLU A 363 -21.36 6.38 10.08
C GLU A 363 -20.98 5.44 8.96
N ALA A 364 -20.97 4.14 9.25
CA ALA A 364 -20.61 3.15 8.25
C ALA A 364 -21.60 3.19 7.10
N TYR A 365 -21.11 2.94 5.89
CA TYR A 365 -21.97 2.87 4.72
C TYR A 365 -21.66 1.59 3.95
N PHE A 366 -22.54 0.61 4.08
CA PHE A 366 -22.50 -0.59 3.25
C PHE A 366 -22.65 -0.20 1.79
N SER A 367 -21.90 -0.85 0.92
CA SER A 367 -22.07 -0.69 -0.51
C SER A 367 -22.04 -2.05 -1.19
N VAL A 368 -22.70 -2.13 -2.35
CA VAL A 368 -22.74 -3.35 -3.14
C VAL A 368 -23.23 -3.02 -4.53
N GLY A 369 -22.70 -3.70 -5.53
CA GLY A 369 -23.08 -3.44 -6.91
C GLY A 369 -22.05 -3.95 -7.87
N LEU A 370 -22.42 -3.99 -9.14
CA LEU A 370 -21.57 -4.57 -10.16
C LEU A 370 -20.70 -3.50 -10.79
N GLN A 371 -20.05 -3.86 -11.90
CA GLN A 371 -19.37 -2.92 -12.78
C GLN A 371 -19.09 -3.66 -14.08
N GLY A 372 -18.89 -2.90 -15.15
CA GLY A 372 -18.79 -3.49 -16.46
C GLY A 372 -20.10 -3.94 -17.06
N ILE A 373 -21.22 -3.41 -16.58
CA ILE A 373 -22.53 -3.79 -17.06
C ILE A 373 -22.97 -2.80 -18.13
N VAL A 374 -23.99 -3.17 -18.88
CA VAL A 374 -24.64 -2.27 -19.83
C VAL A 374 -25.70 -1.48 -19.09
N GLU A 375 -25.93 -0.24 -19.54
CA GLU A 375 -26.76 0.70 -18.78
C GLU A 375 -28.21 0.21 -18.67
N LYS A 376 -28.72 -0.43 -19.72
CA LYS A 376 -30.13 -0.78 -19.77
C LYS A 376 -30.50 -1.80 -18.70
N ASP A 377 -29.49 -2.43 -18.09
CA ASP A 377 -29.72 -3.42 -17.05
C ASP A 377 -29.67 -2.85 -15.65
N ILE A 378 -29.49 -1.52 -15.50
CA ILE A 378 -29.29 -0.95 -14.18
C ILE A 378 -30.45 -1.30 -13.26
N GLU A 379 -31.68 -1.03 -13.71
CA GLU A 379 -32.84 -1.37 -12.92
C GLU A 379 -32.86 -2.86 -12.61
N THR A 380 -32.57 -3.69 -13.60
CA THR A 380 -32.38 -5.11 -13.38
C THR A 380 -31.51 -5.34 -12.15
N VAL A 381 -30.30 -4.79 -12.17
CA VAL A 381 -29.39 -4.99 -11.05
C VAL A 381 -30.05 -4.54 -9.76
N ARG A 382 -30.65 -3.35 -9.76
CA ARG A 382 -31.31 -2.87 -8.57
C ARG A 382 -32.34 -3.87 -8.09
N SER A 383 -33.22 -4.31 -9.00
CA SER A 383 -34.20 -5.32 -8.63
C SER A 383 -33.52 -6.52 -8.01
N LEU A 384 -32.51 -7.07 -8.70
CA LEU A 384 -31.74 -8.18 -8.15
C LEU A 384 -31.39 -7.91 -6.71
N ILE A 385 -30.67 -6.81 -6.46
CA ILE A 385 -30.20 -6.52 -5.12
C ILE A 385 -31.38 -6.50 -4.16
N ASP A 386 -32.43 -5.77 -4.52
CA ASP A 386 -33.60 -5.69 -3.66
C ASP A 386 -34.16 -7.08 -3.41
N ARG A 387 -34.41 -7.82 -4.49
CA ARG A 387 -34.94 -9.16 -4.35
C ARG A 387 -34.02 -10.00 -3.47
N THR A 388 -32.71 -9.88 -3.68
CA THR A 388 -31.78 -10.71 -2.94
C THR A 388 -31.90 -10.47 -1.45
N ILE A 389 -32.04 -9.20 -1.05
CA ILE A 389 -32.19 -8.91 0.37
C ILE A 389 -33.40 -9.64 0.91
N ASP A 390 -34.51 -9.59 0.17
CA ASP A 390 -35.72 -10.28 0.59
C ASP A 390 -35.41 -11.74 0.91
N GLU A 391 -34.67 -12.40 0.02
CA GLU A 391 -34.38 -13.82 0.22
C GLU A 391 -33.68 -14.05 1.55
N VAL A 392 -32.69 -13.21 1.86
CA VAL A 392 -31.96 -13.39 3.12
C VAL A 392 -32.93 -13.28 4.29
N VAL A 393 -33.86 -12.32 4.21
CA VAL A 393 -34.76 -12.09 5.32
C VAL A 393 -35.61 -13.32 5.58
N GLU A 394 -35.85 -14.14 4.56
CA GLU A 394 -36.64 -15.34 4.74
C GLU A 394 -35.81 -16.59 4.93
N LYS A 395 -34.49 -16.53 4.76
CA LYS A 395 -33.65 -17.71 4.90
C LYS A 395 -32.66 -17.59 6.05
N GLY A 396 -31.83 -16.56 6.04
CA GLY A 396 -30.72 -16.46 6.98
C GLY A 396 -29.43 -16.97 6.36
N PHE A 397 -28.52 -17.37 7.24
CA PHE A 397 -27.18 -17.78 6.85
C PHE A 397 -26.88 -19.18 7.35
N GLU A 398 -26.18 -19.94 6.51
CA GLU A 398 -25.81 -21.30 6.87
C GLU A 398 -24.73 -21.26 7.95
N ASP A 399 -24.87 -22.15 8.94
CA ASP A 399 -24.05 -22.05 10.14
C ASP A 399 -22.57 -22.24 9.82
N ASP A 400 -22.26 -23.18 8.93
CA ASP A 400 -20.86 -23.47 8.61
C ASP A 400 -20.14 -22.22 8.10
N ARG A 401 -20.83 -21.38 7.34
CA ARG A 401 -20.22 -20.15 6.86
C ARG A 401 -19.91 -19.20 8.00
N ILE A 402 -20.80 -19.12 8.98
CA ILE A 402 -20.54 -18.30 10.16
C ILE A 402 -19.32 -18.81 10.90
N GLU A 403 -19.22 -20.13 11.06
CA GLU A 403 -18.06 -20.70 11.73
C GLU A 403 -16.78 -20.43 10.97
N ALA A 404 -16.81 -20.55 9.64
CA ALA A 404 -15.63 -20.24 8.84
C ALA A 404 -15.22 -18.78 9.00
N LEU A 405 -16.20 -17.88 9.04
CA LEU A 405 -15.89 -16.47 9.20
C LEU A 405 -15.24 -16.20 10.55
N LEU A 406 -15.79 -16.80 11.61
CA LEU A 406 -15.20 -16.61 12.94
C LEU A 406 -13.79 -17.18 13.00
N HIS A 407 -13.57 -18.32 12.34
CA HIS A 407 -12.24 -18.91 12.28
C HIS A 407 -11.26 -17.98 11.57
N LYS A 408 -11.69 -17.36 10.47
CA LYS A 408 -10.83 -16.41 9.78
C LYS A 408 -10.51 -15.19 10.65
N ILE A 409 -11.50 -14.70 11.41
CA ILE A 409 -11.24 -13.60 12.32
C ILE A 409 -10.21 -14.00 13.37
N GLU A 410 -10.33 -15.22 13.91
CA GLU A 410 -9.35 -15.68 14.90
C GLU A 410 -7.96 -15.73 14.31
N ILE A 411 -7.83 -16.24 13.09
CA ILE A 411 -6.52 -16.28 12.43
C ILE A 411 -5.94 -14.88 12.33
N GLN A 412 -6.72 -13.93 11.81
CA GLN A 412 -6.18 -12.59 11.66
C GLN A 412 -5.88 -11.96 13.01
N MET A 413 -6.52 -12.46 14.07
CA MET A 413 -6.16 -12.01 15.41
C MET A 413 -4.81 -12.57 15.84
N LYS A 414 -4.46 -13.78 15.41
CA LYS A 414 -3.26 -14.44 15.90
C LYS A 414 -2.02 -14.25 15.04
N HIS A 415 -2.17 -14.06 13.73
CA HIS A 415 -1.02 -14.02 12.83
C HIS A 415 -0.10 -12.85 13.17
N GLN A 416 1.17 -13.15 13.42
CA GLN A 416 2.14 -12.15 13.86
C GLN A 416 2.77 -11.45 12.65
N SER A 417 2.80 -10.12 12.69
CA SER A 417 3.29 -9.31 11.59
C SER A 417 4.41 -8.39 12.06
N THR A 418 5.19 -7.90 11.08
CA THR A 418 6.29 -6.99 11.38
C THR A 418 5.80 -5.63 11.84
N SER A 419 4.66 -5.18 11.33
CA SER A 419 4.26 -3.78 11.42
C SER A 419 2.97 -3.62 12.22
N PHE A 420 2.92 -4.25 13.40
CA PHE A 420 1.68 -4.24 14.19
C PHE A 420 1.27 -2.84 14.60
N GLY A 421 2.22 -1.98 14.96
CA GLY A 421 1.86 -0.64 15.42
C GLY A 421 1.18 0.18 14.35
N LEU A 422 1.68 0.09 13.12
CA LEU A 422 1.06 0.81 12.01
C LEU A 422 -0.37 0.34 11.78
N MET A 423 -0.59 -0.97 11.83
CA MET A 423 -1.94 -1.49 11.64
C MET A 423 -2.86 -1.06 12.77
N LEU A 424 -2.36 -1.08 14.01
CA LEU A 424 -3.18 -0.66 15.13
C LEU A 424 -3.60 0.80 14.99
N THR A 425 -2.66 1.67 14.62
CA THR A 425 -3.00 3.09 14.50
C THR A 425 -3.96 3.32 13.33
N SER A 426 -3.69 2.70 12.17
CA SER A 426 -4.56 2.86 11.02
C SER A 426 -5.91 2.18 11.21
N TYR A 427 -6.05 1.34 12.23
CA TYR A 427 -7.30 0.65 12.51
C TYR A 427 -8.14 1.36 13.56
N ILE A 428 -7.51 2.03 14.52
CA ILE A 428 -8.28 2.74 15.56
C ILE A 428 -8.38 4.23 15.29
N ALA A 429 -7.72 4.75 14.25
CA ALA A 429 -7.77 6.18 13.96
C ALA A 429 -9.21 6.66 13.77
N SER A 430 -9.96 6.01 12.88
CA SER A 430 -11.31 6.46 12.58
C SER A 430 -12.20 6.42 13.81
N CYS A 431 -12.21 5.28 14.51
CA CYS A 431 -13.08 5.14 15.67
C CYS A 431 -12.70 6.10 16.79
N TRP A 432 -11.44 6.50 16.87
CA TRP A 432 -11.02 7.35 17.99
C TRP A 432 -11.02 8.82 17.60
N ASN A 433 -11.20 9.11 16.31
CA ASN A 433 -11.35 10.47 15.81
C ASN A 433 -12.63 11.11 16.33
N HIS A 434 -13.57 10.28 16.80
CA HIS A 434 -14.89 10.74 17.17
C HIS A 434 -15.20 10.40 18.61
N ASP A 435 -14.24 10.63 19.50
CA ASP A 435 -14.42 10.48 20.95
C ASP A 435 -14.85 9.08 21.35
N GLY A 436 -14.57 8.09 20.51
CA GLY A 436 -14.92 6.71 20.82
C GLY A 436 -13.78 6.00 21.53
N ASP A 437 -14.12 5.34 22.64
CA ASP A 437 -13.16 4.60 23.44
C ASP A 437 -12.43 3.59 22.57
N PRO A 438 -11.12 3.76 22.34
CA PRO A 438 -10.41 2.86 21.43
C PRO A 438 -10.02 1.53 22.05
N VAL A 439 -9.93 1.44 23.38
CA VAL A 439 -9.56 0.18 24.02
C VAL A 439 -10.60 -0.89 23.71
N GLU A 440 -11.88 -0.53 23.77
CA GLU A 440 -12.94 -1.49 23.48
C GLU A 440 -12.83 -2.03 22.06
N LEU A 441 -12.28 -1.25 21.14
CA LEU A 441 -12.13 -1.71 19.78
C LEU A 441 -10.98 -2.69 19.61
N LEU A 442 -10.01 -2.69 20.53
CA LEU A 442 -8.89 -3.64 20.46
C LEU A 442 -9.29 -5.05 20.87
N LYS A 443 -10.24 -5.19 21.79
CA LYS A 443 -10.57 -6.49 22.33
C LYS A 443 -11.41 -7.31 21.36
N LEU A 444 -10.77 -7.95 20.38
CA LEU A 444 -11.53 -8.79 19.45
C LEU A 444 -12.10 -10.03 20.13
N GLY A 445 -11.37 -10.59 21.09
CA GLY A 445 -11.87 -11.79 21.75
C GLY A 445 -13.17 -11.56 22.50
N ASN A 446 -13.23 -10.46 23.24
CA ASN A 446 -14.45 -10.16 24.01
C ASN A 446 -15.64 -9.98 23.07
N GLN A 447 -15.43 -9.29 21.95
CA GLN A 447 -16.54 -9.06 21.04
C GLN A 447 -16.91 -10.31 20.26
N LEU A 448 -15.97 -11.19 19.97
CA LEU A 448 -16.34 -12.47 19.38
C LEU A 448 -17.15 -13.32 20.34
N ALA A 449 -16.79 -13.30 21.63
CA ALA A 449 -17.58 -14.02 22.62
C ALA A 449 -18.99 -13.44 22.70
N LYS A 450 -19.09 -12.11 22.71
CA LYS A 450 -20.40 -11.46 22.71
C LYS A 450 -21.20 -11.83 21.46
N PHE A 451 -20.54 -11.87 20.31
CA PHE A 451 -21.20 -12.20 19.06
C PHE A 451 -21.73 -13.62 19.06
N ARG A 452 -20.92 -14.57 19.54
CA ARG A 452 -21.38 -15.95 19.64
C ARG A 452 -22.58 -16.05 20.58
N GLN A 453 -22.52 -15.38 21.73
CA GLN A 453 -23.63 -15.46 22.67
C GLN A 453 -24.91 -14.90 22.06
N CYS A 454 -24.82 -13.71 21.46
CA CYS A 454 -26.00 -13.07 20.90
C CYS A 454 -26.56 -13.85 19.71
N LEU A 455 -25.71 -14.50 18.93
CA LEU A 455 -26.21 -15.30 17.82
C LEU A 455 -26.86 -16.58 18.33
N GLN A 456 -26.32 -17.17 19.38
CA GLN A 456 -26.87 -18.43 19.88
C GLN A 456 -28.20 -18.22 20.58
N GLU A 457 -28.31 -17.19 21.42
CA GLU A 457 -29.51 -17.01 22.21
C GLU A 457 -30.74 -16.70 21.38
N ASN A 458 -30.57 -16.15 20.17
CA ASN A 458 -31.69 -15.83 19.30
C ASN A 458 -31.36 -16.24 17.87
N PRO A 459 -32.00 -17.27 17.33
CA PRO A 459 -31.61 -17.77 16.00
C PRO A 459 -31.75 -16.75 14.89
N LYS A 460 -32.71 -15.85 14.99
CA LYS A 460 -33.01 -14.91 13.91
C LYS A 460 -32.24 -13.60 14.00
N PHE A 461 -31.16 -13.57 14.79
CA PHE A 461 -30.44 -12.33 15.03
C PHE A 461 -30.01 -11.66 13.74
N LEU A 462 -29.35 -12.40 12.86
CA LEU A 462 -28.86 -11.79 11.63
C LEU A 462 -29.99 -11.47 10.66
N GLN A 463 -31.05 -12.29 10.64
CA GLN A 463 -32.21 -11.95 9.81
C GLN A 463 -32.83 -10.63 10.27
N GLU A 464 -32.98 -10.47 11.59
CA GLU A 464 -33.52 -9.22 12.11
C GLU A 464 -32.62 -8.05 11.80
N LYS A 465 -31.30 -8.24 11.88
CA LYS A 465 -30.39 -7.14 11.56
C LYS A 465 -30.48 -6.75 10.09
N VAL A 466 -30.53 -7.74 9.19
CA VAL A 466 -30.66 -7.43 7.78
C VAL A 466 -31.97 -6.72 7.50
N LYS A 467 -33.05 -7.15 8.18
CA LYS A 467 -34.32 -6.45 8.05
C LYS A 467 -34.20 -5.00 8.53
N GLN A 468 -33.58 -4.81 9.68
CA GLN A 468 -33.52 -3.49 10.29
C GLN A 468 -32.68 -2.52 9.47
N TYR A 469 -31.62 -3.00 8.82
CA TYR A 469 -30.71 -2.09 8.15
C TYR A 469 -30.71 -2.20 6.63
N PHE A 470 -31.55 -3.05 6.05
CA PHE A 470 -31.55 -3.22 4.60
C PHE A 470 -32.98 -3.19 4.07
N LYS A 471 -33.95 -3.50 4.94
CA LYS A 471 -35.36 -3.47 4.59
C LYS A 471 -36.03 -2.18 5.03
N ASN A 472 -35.93 -1.85 6.31
CA ASN A 472 -36.66 -0.73 6.90
C ASN A 472 -35.85 0.55 6.96
N ASN A 473 -34.71 0.62 6.29
CA ASN A 473 -33.90 1.82 6.26
C ASN A 473 -34.12 2.56 4.95
N GLN A 474 -34.49 3.83 5.04
CA GLN A 474 -34.84 4.63 3.87
C GLN A 474 -33.67 5.38 3.28
N HIS A 475 -32.52 5.41 3.96
CA HIS A 475 -31.38 6.19 3.50
C HIS A 475 -30.58 5.43 2.45
N LYS A 476 -31.25 4.96 1.40
CA LYS A 476 -30.57 4.25 0.33
C LYS A 476 -29.93 5.23 -0.62
N LEU A 477 -29.37 4.71 -1.71
CA LEU A 477 -28.83 5.51 -2.79
C LEU A 477 -28.53 4.58 -3.94
N THR A 478 -28.59 5.10 -5.16
CA THR A 478 -28.31 4.32 -6.36
C THR A 478 -27.46 5.17 -7.29
N LEU A 479 -26.15 5.05 -7.15
CA LEU A 479 -25.23 5.79 -8.00
C LEU A 479 -24.95 4.96 -9.25
N SER A 480 -24.65 5.63 -10.35
CA SER A 480 -24.36 4.95 -11.59
C SER A 480 -23.41 5.79 -12.43
N MET A 481 -22.30 5.20 -12.83
CA MET A 481 -21.22 5.93 -13.47
C MET A 481 -21.00 5.39 -14.88
N ARG A 482 -20.55 6.26 -15.78
CA ARG A 482 -20.36 5.94 -17.19
C ARG A 482 -19.02 6.49 -17.64
N PRO A 483 -18.37 5.83 -18.60
CA PRO A 483 -17.08 6.33 -19.09
C PRO A 483 -17.27 7.45 -20.12
N ASP A 484 -16.51 8.52 -19.96
CA ASP A 484 -16.42 9.58 -20.96
C ASP A 484 -15.05 9.49 -21.61
N ASP A 485 -15.04 9.42 -22.95
CA ASP A 485 -13.76 9.37 -23.66
C ASP A 485 -13.00 10.69 -23.54
N LYS A 486 -13.68 11.78 -23.17
CA LYS A 486 -13.07 13.10 -23.06
C LYS A 486 -13.21 13.67 -21.66
N TYR A 487 -13.26 12.81 -20.64
CA TYR A 487 -13.37 13.29 -19.27
C TYR A 487 -12.16 14.14 -18.89
N HIS A 488 -10.96 13.61 -19.13
CA HIS A 488 -9.76 14.36 -18.83
C HIS A 488 -9.56 15.51 -19.80
N GLU A 489 -10.06 15.38 -21.04
CA GLU A 489 -10.09 16.51 -21.94
C GLU A 489 -10.89 17.67 -21.36
N LYS A 490 -12.10 17.38 -20.86
CA LYS A 490 -12.93 18.42 -20.26
C LYS A 490 -12.27 18.99 -19.01
N GLN A 491 -11.65 18.13 -18.20
CA GLN A 491 -10.94 18.62 -17.02
C GLN A 491 -9.82 19.58 -17.40
N ALA A 492 -9.06 19.23 -18.44
CA ALA A 492 -7.98 20.11 -18.91
C ALA A 492 -8.54 21.42 -19.42
N GLN A 493 -9.64 21.38 -20.17
CA GLN A 493 -10.20 22.62 -20.71
C GLN A 493 -10.71 23.53 -19.61
N VAL A 494 -11.41 22.98 -18.61
CA VAL A 494 -11.91 23.85 -17.55
C VAL A 494 -10.75 24.39 -16.72
N GLU A 495 -9.71 23.58 -16.51
CA GLU A 495 -8.55 24.09 -15.79
C GLU A 495 -7.85 25.21 -16.57
N ALA A 496 -7.74 25.07 -17.89
CA ALA A 496 -7.14 26.11 -18.71
C ALA A 496 -7.97 27.38 -18.66
N THR A 497 -9.30 27.25 -18.70
CA THR A 497 -10.16 28.42 -18.60
C THR A 497 -10.00 29.10 -17.25
N LYS A 498 -9.89 28.32 -16.17
CA LYS A 498 -9.63 28.90 -14.85
C LYS A 498 -8.28 29.59 -14.81
N LEU A 499 -7.26 29.01 -15.46
CA LEU A 499 -5.96 29.65 -15.56
C LEU A 499 -6.08 31.01 -16.23
N LYS A 500 -6.77 31.06 -17.38
CA LYS A 500 -6.94 32.33 -18.08
C LYS A 500 -7.68 33.34 -17.22
N GLN A 501 -8.72 32.89 -16.51
CA GLN A 501 -9.45 33.78 -15.62
C GLN A 501 -8.56 34.31 -14.49
N LYS A 502 -7.62 33.49 -14.01
CA LYS A 502 -6.75 33.92 -12.92
C LYS A 502 -5.61 34.81 -13.40
N VAL A 503 -5.19 34.67 -14.65
CA VAL A 503 -4.01 35.38 -15.13
C VAL A 503 -4.34 36.82 -15.50
N GLU A 504 -5.42 37.03 -16.26
CA GLU A 504 -5.72 38.36 -16.76
C GLU A 504 -6.11 39.33 -15.64
N ALA A 505 -6.39 38.82 -14.44
CA ALA A 505 -6.75 39.66 -13.31
C ALA A 505 -5.55 40.15 -12.52
N LEU A 506 -4.37 40.24 -13.14
CA LEU A 506 -3.13 40.52 -12.44
C LEU A 506 -2.45 41.75 -13.03
N SER A 507 -2.11 42.69 -12.16
CA SER A 507 -1.38 43.89 -12.56
C SER A 507 0.08 43.56 -12.88
N PRO A 508 0.74 44.39 -13.70
CA PRO A 508 2.15 44.12 -14.03
C PRO A 508 3.06 44.08 -12.82
N GLY A 509 2.77 44.89 -11.79
CA GLY A 509 3.56 44.81 -10.57
C GLY A 509 3.47 43.45 -9.92
N ASP A 510 2.26 42.87 -9.87
CA ASP A 510 2.12 41.52 -9.34
C ASP A 510 2.78 40.50 -10.25
N ARG A 511 2.81 40.74 -11.56
CA ARG A 511 3.55 39.85 -12.45
C ARG A 511 5.04 39.86 -12.14
N GLN A 512 5.62 41.03 -11.91
CA GLN A 512 7.02 41.11 -11.53
C GLN A 512 7.25 40.46 -10.17
N GLN A 513 6.31 40.64 -9.24
CA GLN A 513 6.41 39.99 -7.94
C GLN A 513 6.44 38.47 -8.09
N ILE A 514 5.56 37.93 -8.94
CA ILE A 514 5.55 36.49 -9.18
C ILE A 514 6.86 36.03 -9.79
N TYR A 515 7.36 36.79 -10.77
CA TYR A 515 8.62 36.39 -11.41
C TYR A 515 9.77 36.37 -10.42
N GLU A 516 9.88 37.40 -9.58
CA GLU A 516 10.98 37.44 -8.62
C GLU A 516 10.81 36.37 -7.55
N LYS A 517 9.57 36.08 -7.16
CA LYS A 517 9.35 35.02 -6.19
C LYS A 517 9.70 33.66 -6.78
N GLY A 518 9.42 33.44 -8.07
CA GLY A 518 9.83 32.20 -8.70
C GLY A 518 11.34 32.06 -8.79
N LEU A 519 12.04 33.16 -9.10
CA LEU A 519 13.50 33.13 -9.10
C LEU A 519 14.04 32.84 -7.71
N GLU A 520 13.45 33.45 -6.68
CA GLU A 520 13.88 33.17 -5.31
C GLU A 520 13.62 31.73 -4.91
N LEU A 521 12.50 31.16 -5.34
CA LEU A 521 12.23 29.75 -5.08
C LEU A 521 13.27 28.86 -5.75
N ARG A 522 13.60 29.18 -7.01
CA ARG A 522 14.67 28.44 -7.70
C ARG A 522 15.98 28.54 -6.92
N SER A 523 16.30 29.73 -6.41
CA SER A 523 17.53 29.90 -5.63
C SER A 523 17.49 29.07 -4.36
N GLN A 524 16.38 29.10 -3.64
CA GLN A 524 16.25 28.32 -2.43
C GLN A 524 16.35 26.82 -2.73
N GLN A 525 15.96 26.41 -3.93
CA GLN A 525 16.05 25.00 -4.29
C GLN A 525 17.48 24.59 -4.62
N SER A 526 18.06 25.23 -5.64
CA SER A 526 19.32 24.75 -6.21
C SER A 526 20.55 25.17 -5.43
N LYS A 527 20.39 25.88 -4.32
CA LYS A 527 21.55 26.33 -3.56
C LYS A 527 22.01 25.22 -2.62
N PRO A 528 23.25 24.74 -2.74
CA PRO A 528 23.75 23.75 -1.77
C PRO A 528 23.82 24.36 -0.38
N GLN A 529 22.99 23.87 0.53
CA GLN A 529 22.80 24.52 1.82
C GLN A 529 23.07 23.53 2.96
N ASP A 530 23.01 24.05 4.17
CA ASP A 530 23.35 23.32 5.37
C ASP A 530 22.23 22.38 5.79
N ALA A 531 22.62 21.27 6.42
CA ALA A 531 21.70 20.37 7.08
C ALA A 531 22.18 19.95 8.46
N SER A 532 23.25 20.55 8.97
CA SER A 532 23.88 20.12 10.21
C SER A 532 23.06 20.44 11.44
N CYS A 533 22.00 21.23 11.33
CA CYS A 533 21.21 21.57 12.51
C CYS A 533 20.37 20.39 13.01
N LEU A 534 20.07 19.43 12.15
CA LEU A 534 19.27 18.27 12.53
C LEU A 534 20.12 17.28 13.33
N PRO A 535 19.52 16.57 14.28
CA PRO A 535 20.23 15.44 14.90
C PRO A 535 20.49 14.34 13.88
N ALA A 536 21.39 13.43 14.24
CA ALA A 536 21.78 12.37 13.33
C ALA A 536 22.44 11.24 14.10
N LEU A 537 22.83 10.21 13.37
CA LEU A 537 23.53 9.05 13.88
C LEU A 537 24.87 8.92 13.17
N LYS A 538 25.60 7.86 13.51
CA LYS A 538 26.87 7.55 12.88
C LYS A 538 26.88 6.09 12.46
N VAL A 539 27.72 5.75 11.48
CA VAL A 539 27.90 4.35 11.12
C VAL A 539 28.51 3.54 12.25
N SER A 540 28.98 4.21 13.31
CA SER A 540 29.36 3.51 14.53
C SER A 540 28.15 3.06 15.34
N ASP A 541 26.94 3.39 14.90
CA ASP A 541 25.72 2.95 15.55
C ASP A 541 25.09 1.75 14.85
N ILE A 542 25.35 1.56 13.56
CA ILE A 542 24.91 0.35 12.87
C ILE A 542 25.57 -0.85 13.53
N GLU A 543 24.76 -1.83 13.91
CA GLU A 543 25.30 -3.00 14.59
C GLU A 543 26.26 -3.75 13.67
N PRO A 544 27.37 -4.26 14.19
CA PRO A 544 28.35 -4.92 13.32
C PRO A 544 27.96 -6.33 12.93
N THR A 545 27.23 -7.03 13.80
CA THR A 545 26.87 -8.42 13.57
C THR A 545 25.38 -8.64 13.77
N ILE A 546 24.81 -9.51 12.95
CA ILE A 546 23.40 -9.91 13.04
C ILE A 546 23.34 -11.33 13.58
N PRO A 547 22.41 -11.64 14.49
CA PRO A 547 22.31 -13.02 14.98
C PRO A 547 21.86 -13.96 13.86
N VAL A 548 22.29 -15.20 13.97
CA VAL A 548 21.98 -16.22 12.98
C VAL A 548 20.70 -16.94 13.38
N THR A 549 19.97 -17.45 12.39
CA THR A 549 18.75 -18.20 12.61
C THR A 549 19.01 -19.68 12.37
N GLU A 550 18.24 -20.52 13.07
CA GLU A 550 18.45 -21.96 13.06
C GLU A 550 17.63 -22.60 11.94
N LEU A 551 18.32 -23.18 10.97
CA LEU A 551 17.70 -23.93 9.90
C LEU A 551 18.19 -25.37 9.95
N ASP A 552 17.34 -26.30 9.51
CA ASP A 552 17.71 -27.71 9.47
C ASP A 552 16.99 -28.35 8.28
N VAL A 553 17.67 -28.40 7.15
CA VAL A 553 17.15 -29.12 5.99
C VAL A 553 17.15 -30.61 6.29
N VAL A 554 16.02 -31.25 6.07
CA VAL A 554 15.83 -32.66 6.41
C VAL A 554 15.24 -33.35 5.18
N LEU A 555 16.04 -34.17 4.51
CA LEU A 555 15.51 -34.97 3.41
C LEU A 555 14.41 -35.88 3.93
N THR A 556 13.25 -35.85 3.27
CA THR A 556 12.13 -36.68 3.71
C THR A 556 11.38 -37.37 2.58
N ALA A 557 11.52 -38.70 2.53
CA ALA A 557 10.88 -39.58 1.55
C ALA A 557 10.70 -39.03 0.14
N GLY A 558 11.77 -38.99 -0.65
CA GLY A 558 13.07 -39.47 -0.21
C GLY A 558 14.18 -38.51 -0.61
N ASP A 559 13.83 -37.57 -1.49
CA ASP A 559 14.78 -36.58 -1.97
C ASP A 559 14.15 -35.19 -1.97
N ILE A 560 13.24 -34.95 -1.03
CA ILE A 560 12.58 -33.66 -0.93
C ILE A 560 13.20 -32.90 0.23
N PRO A 561 14.04 -31.90 -0.02
CA PRO A 561 14.62 -31.11 1.09
C PRO A 561 13.54 -30.23 1.70
N VAL A 562 13.36 -30.37 3.01
CA VAL A 562 12.27 -29.71 3.72
C VAL A 562 12.87 -28.95 4.89
N GLN A 563 13.04 -27.64 4.72
CA GLN A 563 13.51 -26.78 5.80
C GLN A 563 12.50 -26.74 6.93
N TYR A 564 12.98 -26.51 8.15
CA TYR A 564 12.12 -26.22 9.29
C TYR A 564 12.72 -25.08 10.10
N CYS A 565 11.86 -24.36 10.80
CA CYS A 565 12.26 -23.24 11.63
C CYS A 565 11.42 -23.25 12.90
N ALA A 566 12.04 -22.92 14.03
CA ALA A 566 11.33 -22.87 15.30
C ALA A 566 11.21 -21.42 15.75
N GLN A 567 10.05 -20.83 15.51
CA GLN A 567 9.77 -19.43 15.81
C GLN A 567 8.55 -19.36 16.72
N PRO A 568 8.42 -18.27 17.48
CA PRO A 568 7.21 -18.11 18.32
C PRO A 568 6.04 -17.54 17.53
N THR A 569 5.51 -18.36 16.61
CA THR A 569 4.43 -17.93 15.72
C THR A 569 3.06 -17.94 16.39
N ASN A 570 3.02 -17.99 17.73
CA ASN A 570 1.77 -17.91 18.49
C ASN A 570 0.83 -19.06 18.14
N GLY A 571 1.40 -20.26 17.98
CA GLY A 571 0.57 -21.42 17.75
C GLY A 571 0.04 -21.54 16.34
N MET A 572 0.57 -20.76 15.42
CA MET A 572 0.16 -20.80 14.02
C MET A 572 1.20 -21.60 13.26
N VAL A 573 0.91 -21.92 12.00
CA VAL A 573 1.80 -22.75 11.19
C VAL A 573 1.82 -22.20 9.78
N TYR A 574 2.99 -22.12 9.17
CA TYR A 574 3.16 -21.50 7.86
C TYR A 574 3.87 -22.50 6.95
N PHE A 575 3.10 -23.17 6.12
CA PHE A 575 3.66 -24.03 5.10
C PHE A 575 3.93 -23.24 3.83
N ARG A 576 4.98 -23.63 3.12
CA ARG A 576 5.31 -23.08 1.80
C ARG A 576 5.97 -24.19 1.00
N ALA A 577 5.94 -24.05 -0.32
CA ALA A 577 6.51 -25.10 -1.16
C ALA A 577 6.84 -24.59 -2.55
N PHE A 578 8.11 -24.51 -2.89
CA PHE A 578 8.53 -23.98 -4.19
C PHE A 578 8.69 -25.14 -5.14
N SER A 579 7.98 -25.09 -6.27
CA SER A 579 8.07 -26.12 -7.29
C SER A 579 8.55 -25.50 -8.59
N SER A 580 9.54 -26.12 -9.21
CA SER A 580 10.27 -25.51 -10.31
C SER A 580 9.43 -25.55 -11.59
N LEU A 581 10.05 -25.12 -12.69
CA LEU A 581 9.36 -25.03 -13.97
C LEU A 581 10.22 -25.44 -15.15
N ASN A 582 11.42 -25.97 -14.91
CA ASN A 582 12.39 -26.18 -15.99
C ASN A 582 11.90 -27.15 -17.05
N THR A 583 11.03 -28.10 -16.70
CA THR A 583 10.56 -29.10 -17.63
C THR A 583 9.32 -28.68 -18.41
N LEU A 584 8.72 -27.54 -18.07
CA LEU A 584 7.50 -27.09 -18.74
C LEU A 584 7.80 -26.70 -20.18
N PRO A 585 6.89 -26.98 -21.11
CA PRO A 585 7.02 -26.41 -22.45
C PRO A 585 7.00 -24.89 -22.40
N GLU A 586 7.74 -24.28 -23.32
CA GLU A 586 7.90 -22.84 -23.31
C GLU A 586 6.64 -22.09 -23.73
N GLU A 587 5.78 -22.72 -24.53
CA GLU A 587 4.62 -22.03 -25.06
C GLU A 587 3.53 -21.84 -24.01
N LEU A 588 3.50 -22.66 -22.97
CA LEU A 588 2.48 -22.56 -21.94
C LEU A 588 2.88 -21.65 -20.79
N ARG A 589 4.05 -21.02 -20.86
CA ARG A 589 4.48 -20.11 -19.80
C ARG A 589 3.52 -18.95 -19.57
N PRO A 590 3.04 -18.23 -20.61
CA PRO A 590 2.20 -17.05 -20.33
C PRO A 590 0.98 -17.32 -19.47
N TYR A 591 0.37 -18.50 -19.58
CA TYR A 591 -0.83 -18.81 -18.82
C TYR A 591 -0.54 -19.34 -17.44
N VAL A 592 0.72 -19.54 -17.08
CA VAL A 592 1.09 -20.00 -15.74
C VAL A 592 0.54 -19.06 -14.68
N PRO A 593 0.62 -17.74 -14.82
CA PRO A 593 -0.08 -16.88 -13.86
C PRO A 593 -1.56 -17.18 -13.76
N LEU A 594 -2.21 -17.42 -14.90
CA LEU A 594 -3.63 -17.78 -14.89
C LEU A 594 -3.84 -19.11 -14.17
N PHE A 595 -2.98 -20.08 -14.43
CA PHE A 595 -3.09 -21.38 -13.77
C PHE A 595 -2.98 -21.21 -12.26
N CYS A 596 -2.00 -20.42 -11.81
CA CYS A 596 -1.87 -20.20 -10.37
C CYS A 596 -3.09 -19.47 -9.82
N SER A 597 -3.63 -18.52 -10.58
CA SER A 597 -4.78 -17.77 -10.12
C SER A 597 -5.98 -18.68 -9.87
N VAL A 598 -6.25 -19.59 -10.81
CA VAL A 598 -7.44 -20.42 -10.70
C VAL A 598 -7.19 -21.80 -10.09
N LEU A 599 -5.95 -22.11 -9.73
CA LEU A 599 -5.64 -23.44 -9.22
C LEU A 599 -6.41 -23.77 -7.95
N THR A 600 -6.48 -22.82 -7.02
CA THR A 600 -7.03 -23.09 -5.71
C THR A 600 -8.51 -22.76 -5.60
N LYS A 601 -9.21 -22.52 -6.71
CA LYS A 601 -10.62 -22.14 -6.65
C LYS A 601 -11.43 -22.81 -7.77
N LEU A 602 -11.19 -24.10 -8.04
CA LEU A 602 -11.96 -24.79 -9.07
C LEU A 602 -12.55 -26.13 -8.66
N GLY A 603 -12.15 -26.73 -7.55
CA GLY A 603 -12.70 -28.06 -7.28
C GLY A 603 -11.60 -29.06 -7.01
N CYS A 604 -11.68 -29.71 -5.85
CA CYS A 604 -10.65 -30.61 -5.37
C CYS A 604 -11.27 -31.98 -5.10
N GLY A 605 -11.06 -32.92 -6.02
CA GLY A 605 -11.53 -34.28 -5.85
C GLY A 605 -13.04 -34.42 -5.80
N LEU A 606 -13.56 -34.71 -4.61
CA LEU A 606 -14.99 -34.96 -4.43
C LEU A 606 -15.78 -33.68 -4.20
N LEU A 607 -15.12 -32.52 -4.17
CA LEU A 607 -15.77 -31.27 -3.85
C LEU A 607 -15.96 -30.42 -5.11
N ASP A 608 -16.90 -29.47 -5.02
CA ASP A 608 -17.07 -28.44 -6.03
C ASP A 608 -16.65 -27.10 -5.45
N TYR A 609 -16.60 -26.09 -6.32
CA TYR A 609 -15.86 -24.88 -5.98
C TYR A 609 -16.45 -24.17 -4.76
N ARG A 610 -17.77 -24.21 -4.60
CA ARG A 610 -18.35 -23.63 -3.38
C ARG A 610 -17.95 -24.44 -2.15
N GLU A 611 -18.04 -25.77 -2.22
CA GLU A 611 -17.64 -26.60 -1.10
C GLU A 611 -16.15 -26.46 -0.82
N GLN A 612 -15.33 -26.46 -1.87
CA GLN A 612 -13.89 -26.33 -1.68
C GLN A 612 -13.55 -25.00 -1.04
N ALA A 613 -14.19 -23.92 -1.50
CA ALA A 613 -13.93 -22.61 -0.92
C ALA A 613 -14.38 -22.57 0.54
N GLN A 614 -15.52 -23.17 0.85
CA GLN A 614 -15.94 -23.24 2.24
C GLN A 614 -14.91 -23.99 3.07
N GLN A 615 -14.38 -25.09 2.54
CA GLN A 615 -13.31 -25.80 3.22
C GLN A 615 -12.11 -24.88 3.47
N ILE A 616 -11.53 -24.37 2.39
CA ILE A 616 -10.35 -23.52 2.43
C ILE A 616 -10.51 -22.42 3.47
N GLU A 617 -11.68 -21.82 3.53
CA GLU A 617 -11.92 -20.77 4.51
C GLU A 617 -12.28 -21.30 5.89
N LEU A 618 -12.58 -22.60 6.02
CA LEU A 618 -12.90 -23.17 7.32
C LEU A 618 -11.67 -23.72 8.04
N LYS A 619 -10.79 -24.40 7.28
CA LYS A 619 -9.61 -25.01 7.86
C LYS A 619 -8.45 -24.02 7.94
N THR A 620 -8.08 -23.46 6.80
CA THR A 620 -6.89 -22.63 6.67
C THR A 620 -7.22 -21.16 6.90
N GLY A 621 -6.26 -20.31 6.57
CA GLY A 621 -6.44 -18.87 6.62
C GLY A 621 -6.03 -18.24 5.31
N GLY A 622 -6.07 -19.04 4.24
CA GLY A 622 -5.66 -18.61 2.94
C GLY A 622 -4.76 -19.64 2.32
N MET A 623 -4.89 -19.88 1.02
CA MET A 623 -4.09 -20.88 0.32
C MET A 623 -3.86 -20.36 -1.09
N SER A 624 -2.74 -19.70 -1.30
CA SER A 624 -2.47 -19.02 -2.56
C SER A 624 -1.42 -19.78 -3.36
N ALA A 625 -1.12 -19.25 -4.54
CA ALA A 625 -0.10 -19.81 -5.43
C ALA A 625 0.27 -18.73 -6.42
N SER A 626 1.54 -18.36 -6.47
CA SER A 626 1.96 -17.21 -7.26
C SER A 626 3.37 -17.40 -7.80
N PRO A 627 3.56 -17.35 -9.12
CA PRO A 627 4.89 -17.64 -9.68
C PRO A 627 5.92 -16.62 -9.25
N HIS A 628 7.16 -17.08 -9.10
CA HIS A 628 8.30 -16.24 -8.79
C HIS A 628 9.44 -16.59 -9.72
N VAL A 629 10.32 -15.62 -9.93
CA VAL A 629 11.58 -15.83 -10.62
C VAL A 629 12.69 -15.35 -9.68
N LEU A 630 13.50 -16.29 -9.18
CA LEU A 630 14.50 -15.99 -8.18
C LEU A 630 15.88 -15.97 -8.84
N PRO A 631 16.59 -14.86 -8.82
CA PRO A 631 17.89 -14.80 -9.50
C PRO A 631 19.02 -15.34 -8.63
N ASP A 632 20.15 -15.59 -9.28
CA ASP A 632 21.31 -16.15 -8.60
C ASP A 632 22.35 -15.07 -8.35
N ASP A 633 23.01 -15.18 -7.19
CA ASP A 633 24.02 -14.22 -6.77
C ASP A 633 25.44 -14.70 -7.07
N SER A 634 25.61 -15.49 -8.11
CA SER A 634 26.94 -15.89 -8.54
C SER A 634 27.10 -15.83 -10.05
N HIS A 635 26.09 -15.39 -10.78
CA HIS A 635 26.15 -15.26 -12.23
C HIS A 635 25.04 -14.31 -12.64
N MET A 636 25.26 -13.59 -13.74
CA MET A 636 24.31 -12.56 -14.13
C MET A 636 22.99 -13.16 -14.62
N ASP A 637 23.06 -14.15 -15.51
CA ASP A 637 21.89 -14.66 -16.19
C ASP A 637 21.54 -16.07 -15.73
N THR A 638 21.65 -16.32 -14.43
CA THR A 638 21.25 -17.58 -13.82
C THR A 638 20.04 -17.32 -12.94
N TYR A 639 18.91 -17.91 -13.32
CA TYR A 639 17.66 -17.71 -12.59
C TYR A 639 16.97 -19.04 -12.39
N GLU A 640 16.34 -19.20 -11.23
CA GLU A 640 15.50 -20.35 -10.93
C GLU A 640 14.06 -19.85 -10.92
N GLN A 641 13.27 -20.30 -11.89
CA GLN A 641 11.86 -19.96 -11.96
C GLN A 641 11.05 -20.94 -11.12
N GLY A 642 9.80 -20.58 -10.86
CA GLY A 642 8.93 -21.57 -10.24
C GLY A 642 7.78 -21.03 -9.44
N VAL A 643 6.78 -21.85 -9.25
CA VAL A 643 5.58 -21.46 -8.53
C VAL A 643 5.82 -21.68 -7.04
N LEU A 644 5.21 -20.86 -6.21
CA LEU A 644 5.39 -20.94 -4.76
C LEU A 644 4.03 -21.18 -4.11
N PHE A 645 3.68 -22.44 -3.94
CA PHE A 645 2.39 -22.79 -3.35
C PHE A 645 2.38 -22.50 -1.87
N SER A 646 2.32 -21.22 -1.50
CA SER A 646 2.25 -20.81 -0.10
C SER A 646 0.95 -21.29 0.50
N SER A 647 0.86 -21.18 1.82
CA SER A 647 -0.33 -21.59 2.56
C SER A 647 -0.24 -21.01 3.95
N LEU A 648 -1.18 -21.43 4.80
CA LEU A 648 -1.25 -20.96 6.17
C LEU A 648 -2.33 -21.75 6.89
N CYS A 649 -2.21 -21.95 8.20
CA CYS A 649 -3.25 -22.67 8.94
C CYS A 649 -2.97 -22.53 10.42
N LEU A 650 -4.02 -22.74 11.22
CA LEU A 650 -3.84 -22.86 12.65
C LEU A 650 -3.13 -24.18 12.95
N ASP A 651 -2.83 -24.43 14.23
CA ASP A 651 -2.10 -25.64 14.59
C ASP A 651 -2.96 -26.89 14.39
N ARG A 652 -4.18 -26.89 14.95
CA ARG A 652 -5.01 -28.09 14.90
C ARG A 652 -5.39 -28.45 13.48
N ASN A 653 -5.68 -27.46 12.65
CA ASN A 653 -6.11 -27.69 11.28
C ASN A 653 -4.96 -28.04 10.35
N LEU A 654 -3.79 -28.38 10.90
CA LEU A 654 -2.65 -28.68 10.05
C LEU A 654 -2.88 -29.89 9.15
N PRO A 655 -3.24 -31.08 9.66
CA PRO A 655 -3.45 -32.20 8.74
C PRO A 655 -4.53 -31.94 7.71
N ASP A 656 -5.64 -31.32 8.14
CA ASP A 656 -6.73 -31.03 7.23
C ASP A 656 -6.24 -30.19 6.05
N MET A 657 -5.60 -29.06 6.35
CA MET A 657 -4.99 -28.26 5.29
C MET A 657 -4.09 -29.13 4.42
N MET A 658 -3.25 -29.95 5.05
CA MET A 658 -2.33 -30.75 4.28
C MET A 658 -3.09 -31.70 3.38
N GLN A 659 -4.15 -32.32 3.90
CA GLN A 659 -5.00 -33.15 3.05
C GLN A 659 -5.52 -32.33 1.88
N LEU A 660 -6.00 -31.12 2.16
CA LEU A 660 -6.45 -30.23 1.10
C LEU A 660 -5.37 -30.09 0.04
N TRP A 661 -4.13 -29.84 0.45
CA TRP A 661 -3.07 -29.65 -0.53
C TRP A 661 -2.90 -30.90 -1.38
N SER A 662 -2.94 -32.08 -0.76
CA SER A 662 -2.88 -33.31 -1.54
C SER A 662 -4.03 -33.35 -2.55
N GLU A 663 -5.24 -33.05 -2.08
CA GLU A 663 -6.38 -33.00 -2.99
C GLU A 663 -6.14 -32.01 -4.11
N ILE A 664 -5.51 -30.88 -3.79
CA ILE A 664 -5.27 -29.87 -4.82
C ILE A 664 -4.20 -30.34 -5.79
N PHE A 665 -3.25 -31.16 -5.34
CA PHE A 665 -2.25 -31.67 -6.26
C PHE A 665 -2.78 -32.83 -7.06
N ASN A 666 -3.28 -33.86 -6.38
CA ASN A 666 -3.73 -35.07 -7.08
C ASN A 666 -4.97 -34.81 -7.93
N ASN A 667 -5.98 -34.13 -7.37
CA ASN A 667 -7.29 -34.04 -7.99
C ASN A 667 -7.78 -32.59 -8.03
N PRO A 668 -7.29 -31.81 -8.99
CA PRO A 668 -7.91 -30.52 -9.27
C PRO A 668 -8.97 -30.63 -10.36
N CYS A 669 -10.06 -29.89 -10.19
CA CYS A 669 -11.21 -29.96 -11.09
C CYS A 669 -11.02 -28.95 -12.21
N PHE A 670 -10.62 -29.45 -13.38
CA PHE A 670 -10.41 -28.61 -14.56
C PHE A 670 -11.57 -28.70 -15.56
N GLU A 671 -12.78 -28.96 -15.08
CA GLU A 671 -13.93 -29.05 -15.96
C GLU A 671 -15.07 -28.11 -15.54
N GLU A 672 -15.02 -27.55 -14.34
CA GLU A 672 -15.95 -26.49 -13.96
C GLU A 672 -15.64 -25.26 -14.81
N GLU A 673 -16.56 -24.91 -15.71
CA GLU A 673 -16.26 -23.93 -16.74
C GLU A 673 -16.88 -22.57 -16.48
N GLU A 674 -18.10 -22.52 -15.95
CA GLU A 674 -18.74 -21.23 -15.69
C GLU A 674 -17.96 -20.44 -14.66
N HIS A 675 -17.52 -21.10 -13.59
CA HIS A 675 -16.77 -20.40 -12.56
C HIS A 675 -15.40 -19.99 -13.06
N PHE A 676 -14.85 -20.74 -14.02
CA PHE A 676 -13.60 -20.33 -14.65
C PHE A 676 -13.79 -19.08 -15.49
N LYS A 677 -14.90 -18.98 -16.23
CA LYS A 677 -15.20 -17.75 -16.94
C LYS A 677 -15.33 -16.58 -15.97
N VAL A 678 -16.05 -16.80 -14.87
CA VAL A 678 -16.26 -15.75 -13.88
C VAL A 678 -14.93 -15.26 -13.35
N LEU A 679 -14.06 -16.19 -12.95
CA LEU A 679 -12.79 -15.81 -12.36
C LEU A 679 -11.89 -15.11 -13.37
N VAL A 680 -11.86 -15.59 -14.62
CA VAL A 680 -11.02 -14.95 -15.62
C VAL A 680 -11.46 -13.51 -15.83
N LYS A 681 -12.77 -13.29 -16.02
CA LYS A 681 -13.23 -11.92 -16.24
C LYS A 681 -12.94 -11.04 -15.04
N MET A 682 -13.21 -11.54 -13.84
CA MET A 682 -13.03 -10.74 -12.63
C MET A 682 -11.56 -10.34 -12.45
N THR A 683 -10.65 -11.28 -12.61
CA THR A 683 -9.25 -10.97 -12.36
C THR A 683 -8.67 -10.13 -13.49
N ALA A 684 -9.14 -10.32 -14.73
CA ALA A 684 -8.69 -9.46 -15.81
C ALA A 684 -9.13 -8.02 -15.58
N GLN A 685 -10.35 -7.83 -15.08
CA GLN A 685 -10.78 -6.48 -14.70
C GLN A 685 -9.89 -5.93 -13.59
N GLU A 686 -9.61 -6.76 -12.59
CA GLU A 686 -8.79 -6.31 -11.46
C GLU A 686 -7.38 -5.92 -11.89
N LEU A 687 -6.82 -6.59 -12.88
CA LEU A 687 -5.52 -6.21 -13.42
C LEU A 687 -5.60 -4.98 -14.31
N ALA A 688 -6.70 -4.81 -15.04
CA ALA A 688 -6.84 -3.61 -15.86
C ALA A 688 -7.00 -2.36 -15.01
N ASN A 689 -7.63 -2.45 -13.85
CA ASN A 689 -7.78 -1.28 -12.99
C ASN A 689 -6.43 -0.76 -12.51
N GLY A 690 -5.55 -1.66 -12.13
CA GLY A 690 -4.37 -1.29 -11.37
C GLY A 690 -3.23 -0.64 -12.10
N ILE A 691 -3.30 -0.53 -13.42
CA ILE A 691 -2.16 0.00 -14.18
C ILE A 691 -1.73 1.38 -13.71
N PRO A 692 -2.63 2.34 -13.46
CA PRO A 692 -2.19 3.64 -12.93
C PRO A 692 -1.43 3.55 -11.61
N ASP A 693 -2.05 2.94 -10.59
CA ASP A 693 -1.54 3.00 -9.23
C ASP A 693 -0.18 2.33 -9.07
N SER A 694 0.26 1.63 -10.10
CA SER A 694 1.60 1.03 -10.10
C SER A 694 2.25 1.24 -11.47
N GLY A 695 2.13 2.45 -12.00
CA GLY A 695 2.67 2.73 -13.32
C GLY A 695 4.18 2.59 -13.38
N HIS A 696 4.88 3.08 -12.35
CA HIS A 696 6.33 3.00 -12.37
C HIS A 696 6.81 1.56 -12.38
N LEU A 697 6.13 0.68 -11.65
CA LEU A 697 6.49 -0.73 -11.63
C LEU A 697 6.42 -1.33 -13.04
N TYR A 698 5.29 -1.13 -13.71
CA TYR A 698 5.12 -1.67 -15.05
C TYR A 698 6.14 -1.08 -16.01
N ALA A 699 6.39 0.23 -15.90
CA ALA A 699 7.35 0.87 -16.79
C ALA A 699 8.75 0.30 -16.59
N SER A 700 9.17 0.15 -15.34
N SER A 700 9.17 0.15 -15.34
CA SER A 700 10.49 -0.39 -15.06
CA SER A 700 10.49 -0.39 -15.06
C SER A 700 10.61 -1.82 -15.57
C SER A 700 10.61 -1.82 -15.57
N ILE A 701 9.55 -2.63 -15.38
CA ILE A 701 9.58 -4.01 -15.84
C ILE A 701 9.68 -4.07 -17.37
N ARG A 702 8.91 -3.25 -18.07
CA ARG A 702 9.02 -3.26 -19.53
C ARG A 702 10.37 -2.77 -20.00
N ALA A 703 10.98 -1.83 -19.27
CA ALA A 703 12.31 -1.38 -19.64
C ALA A 703 13.35 -2.49 -19.44
N GLY A 704 13.30 -3.15 -18.28
CA GLY A 704 14.29 -4.15 -17.93
C GLY A 704 14.03 -5.52 -18.52
N ARG A 705 12.94 -5.66 -19.27
CA ARG A 705 12.67 -6.92 -19.96
C ARG A 705 13.86 -7.39 -20.76
N THR A 706 14.47 -6.50 -21.55
CA THR A 706 15.44 -6.88 -22.55
C THR A 706 16.86 -7.05 -22.00
N LEU A 707 17.06 -6.80 -20.71
CA LEU A 707 18.39 -6.87 -20.12
C LEU A 707 18.77 -8.26 -19.62
N THR A 708 17.83 -8.96 -19.00
CA THR A 708 18.11 -10.18 -18.26
C THR A 708 17.10 -11.25 -18.67
N PRO A 709 17.51 -12.51 -18.82
CA PRO A 709 16.51 -13.58 -18.97
C PRO A 709 15.52 -13.58 -17.83
N ALA A 710 16.02 -13.40 -16.60
CA ALA A 710 15.13 -13.24 -15.47
C ALA A 710 14.21 -12.04 -15.63
N GLY A 711 14.75 -10.94 -16.16
CA GLY A 711 13.92 -9.77 -16.39
C GLY A 711 12.84 -10.02 -17.42
N ASP A 712 13.20 -10.64 -18.55
CA ASP A 712 12.22 -10.91 -19.59
C ASP A 712 11.12 -11.84 -19.10
N LEU A 713 11.49 -12.88 -18.34
CA LEU A 713 10.49 -13.81 -17.86
C LEU A 713 9.62 -13.17 -16.78
N GLN A 714 10.21 -12.33 -15.93
CA GLN A 714 9.40 -11.61 -14.96
C GLN A 714 8.45 -10.64 -15.64
N GLU A 715 8.86 -10.09 -16.79
CA GLU A 715 7.97 -9.27 -17.59
C GLU A 715 6.81 -10.08 -18.14
N THR A 716 7.11 -11.31 -18.61
CA THR A 716 6.04 -12.19 -19.07
C THR A 716 5.06 -12.50 -17.95
N PHE A 717 5.57 -12.77 -16.75
CA PHE A 717 4.70 -13.17 -15.65
C PHE A 717 3.94 -12.01 -15.02
N SER A 718 4.49 -10.79 -15.03
CA SER A 718 3.79 -9.69 -14.37
C SER A 718 3.84 -8.35 -15.10
N GLY A 719 4.41 -8.29 -16.30
CA GLY A 719 4.47 -7.03 -17.01
C GLY A 719 3.13 -6.68 -17.65
N MET A 720 3.17 -5.63 -18.48
CA MET A 720 1.98 -5.24 -19.23
C MET A 720 1.50 -6.36 -20.13
N ASP A 721 2.41 -7.23 -20.57
CA ASP A 721 2.00 -8.37 -21.37
C ASP A 721 0.98 -9.23 -20.65
N GLN A 722 1.09 -9.34 -19.32
CA GLN A 722 0.13 -10.14 -18.58
C GLN A 722 -1.27 -9.55 -18.66
N VAL A 723 -1.39 -8.24 -18.45
CA VAL A 723 -2.71 -7.64 -18.49
C VAL A 723 -3.28 -7.66 -19.90
N ARG A 724 -2.39 -7.50 -20.90
CA ARG A 724 -2.81 -7.54 -22.29
C ARG A 724 -3.39 -8.93 -22.58
N LEU A 725 -2.66 -9.97 -22.18
CA LEU A 725 -3.10 -11.34 -22.37
C LEU A 725 -4.42 -11.61 -21.66
N MET A 726 -4.54 -11.17 -20.40
CA MET A 726 -5.75 -11.47 -19.66
C MET A 726 -6.95 -10.74 -20.24
N LYS A 727 -6.75 -9.53 -20.74
CA LYS A 727 -7.82 -8.83 -21.44
C LYS A 727 -8.23 -9.60 -22.69
N ARG A 728 -7.25 -10.11 -23.45
CA ARG A 728 -7.59 -10.92 -24.61
C ARG A 728 -8.33 -12.19 -24.22
N ILE A 729 -8.05 -12.71 -23.04
CA ILE A 729 -8.66 -13.99 -22.63
C ILE A 729 -10.07 -13.79 -22.10
N ALA A 730 -10.32 -12.73 -21.32
CA ALA A 730 -11.65 -12.49 -20.79
C ALA A 730 -12.62 -11.96 -21.83
N GLU A 731 -12.13 -11.53 -22.99
CA GLU A 731 -13.01 -11.09 -24.06
C GLU A 731 -13.65 -12.27 -24.80
N MET A 732 -12.98 -13.40 -24.89
CA MET A 732 -13.49 -14.51 -25.68
C MET A 732 -14.76 -15.09 -25.05
N THR A 733 -15.57 -15.70 -25.90
CA THR A 733 -16.78 -16.41 -25.47
C THR A 733 -16.58 -17.90 -25.32
N ASP A 734 -15.60 -18.47 -26.01
CA ASP A 734 -15.28 -19.90 -25.90
C ASP A 734 -14.04 -20.03 -25.02
N ILE A 735 -14.23 -20.55 -23.82
CA ILE A 735 -13.15 -20.63 -22.84
C ILE A 735 -12.68 -22.08 -22.77
N LYS A 736 -13.20 -22.93 -23.65
CA LYS A 736 -12.71 -24.30 -23.75
C LYS A 736 -11.22 -24.37 -24.08
N PRO A 737 -10.71 -23.65 -25.10
CA PRO A 737 -9.28 -23.79 -25.42
C PRO A 737 -8.36 -23.38 -24.31
N ILE A 738 -8.79 -22.47 -23.44
CA ILE A 738 -7.95 -22.06 -22.32
C ILE A 738 -8.05 -23.04 -21.15
N LEU A 739 -9.25 -23.55 -20.86
CA LEU A 739 -9.41 -24.53 -19.80
C LEU A 739 -8.84 -25.89 -20.16
N ARG A 740 -8.60 -26.16 -21.45
CA ARG A 740 -7.92 -27.38 -21.85
C ARG A 740 -6.41 -27.30 -21.69
N LYS A 741 -5.88 -26.14 -21.31
CA LYS A 741 -4.44 -26.01 -21.08
C LYS A 741 -4.08 -26.42 -19.66
N LEU A 742 -4.94 -26.11 -18.69
CA LEU A 742 -4.61 -26.33 -17.28
C LEU A 742 -4.16 -27.75 -16.93
N PRO A 743 -4.75 -28.83 -17.46
CA PRO A 743 -4.17 -30.15 -17.17
C PRO A 743 -2.72 -30.26 -17.61
N ARG A 744 -2.38 -29.64 -18.74
CA ARG A 744 -1.01 -29.69 -19.23
C ARG A 744 -0.04 -28.97 -18.32
N ILE A 745 -0.53 -28.17 -17.38
CA ILE A 745 0.32 -27.46 -16.45
C ILE A 745 0.30 -28.19 -15.11
N LYS A 746 -0.84 -28.79 -14.79
CA LYS A 746 -0.91 -29.60 -13.57
C LYS A 746 -0.02 -30.82 -13.66
N LYS A 747 0.09 -31.41 -14.86
CA LYS A 747 0.93 -32.58 -15.04
C LYS A 747 2.42 -32.25 -15.12
N HIS A 748 2.78 -30.97 -15.13
CA HIS A 748 4.17 -30.55 -15.08
C HIS A 748 4.56 -29.87 -13.78
N LEU A 749 3.60 -29.39 -13.01
CA LEU A 749 3.92 -28.61 -11.82
C LEU A 749 3.36 -29.19 -10.53
N LEU A 750 2.38 -30.08 -10.59
CA LEU A 750 1.79 -30.64 -9.38
C LEU A 750 2.34 -32.06 -9.21
N ASN A 751 3.56 -32.12 -8.67
CA ASN A 751 4.28 -33.36 -8.44
C ASN A 751 5.34 -33.09 -7.39
N GLY A 752 6.31 -34.01 -7.25
CA GLY A 752 7.39 -33.81 -6.32
C GLY A 752 8.76 -33.97 -6.93
N ASP A 753 8.88 -33.75 -8.24
CA ASP A 753 10.15 -33.97 -8.92
C ASP A 753 11.16 -32.88 -8.60
N ASN A 754 10.86 -31.64 -8.98
CA ASN A 754 11.71 -30.49 -8.65
C ASN A 754 10.93 -29.64 -7.65
N MET A 755 11.06 -29.98 -6.38
CA MET A 755 10.24 -29.35 -5.36
C MET A 755 11.01 -29.29 -4.06
N ARG A 756 10.91 -28.15 -3.37
CA ARG A 756 11.47 -28.03 -2.04
C ARG A 756 10.45 -27.33 -1.15
N CYS A 757 10.04 -28.00 -0.08
CA CYS A 757 9.04 -27.46 0.82
C CYS A 757 9.70 -26.56 1.84
N SER A 758 8.93 -26.12 2.82
CA SER A 758 9.43 -25.37 3.95
C SER A 758 8.33 -25.36 5.00
N VAL A 759 8.71 -25.04 6.23
CA VAL A 759 7.77 -24.96 7.35
C VAL A 759 8.26 -23.91 8.32
N ASN A 760 7.35 -23.09 8.82
CA ASN A 760 7.61 -22.29 10.01
C ASN A 760 6.57 -22.64 11.06
N ALA A 761 7.03 -22.98 12.26
CA ALA A 761 6.11 -23.37 13.31
C ALA A 761 6.85 -23.40 14.63
N THR A 762 6.08 -23.32 15.71
CA THR A 762 6.66 -23.42 17.03
C THR A 762 7.31 -24.79 17.22
N PRO A 763 8.35 -24.89 18.03
CA PRO A 763 9.00 -26.20 18.24
C PRO A 763 8.05 -27.26 18.77
N GLN A 764 7.12 -26.90 19.64
CA GLN A 764 6.18 -27.87 20.19
C GLN A 764 5.32 -28.51 19.11
N GLN A 765 5.06 -27.80 18.01
CA GLN A 765 4.30 -28.34 16.90
C GLN A 765 5.19 -28.86 15.79
N MET A 766 6.48 -29.06 16.06
CA MET A 766 7.41 -29.43 14.99
C MET A 766 7.35 -30.91 14.60
N PRO A 767 7.28 -31.87 15.52
CA PRO A 767 7.20 -33.28 15.07
C PRO A 767 5.89 -33.63 14.38
N GLN A 768 4.77 -33.10 14.88
CA GLN A 768 3.49 -33.31 14.21
C GLN A 768 3.55 -32.77 12.79
N THR A 769 4.18 -31.61 12.62
CA THR A 769 4.35 -31.05 11.29
C THR A 769 5.25 -31.92 10.44
N GLU A 770 6.31 -32.47 11.03
CA GLU A 770 7.14 -33.44 10.33
C GLU A 770 6.28 -34.56 9.76
N LYS A 771 5.42 -35.13 10.60
CA LYS A 771 4.56 -36.23 10.19
C LYS A 771 3.62 -35.81 9.07
N ALA A 772 2.96 -34.66 9.23
CA ALA A 772 1.97 -34.23 8.26
C ALA A 772 2.61 -33.91 6.92
N VAL A 773 3.76 -33.23 6.93
CA VAL A 773 4.44 -32.89 5.69
C VAL A 773 4.93 -34.15 4.99
N GLU A 774 5.42 -35.13 5.75
CA GLU A 774 5.83 -36.38 5.10
C GLU A 774 4.64 -37.13 4.54
N ASP A 775 3.51 -37.11 5.23
CA ASP A 775 2.30 -37.72 4.67
C ASP A 775 1.92 -37.07 3.36
N PHE A 776 1.94 -35.74 3.32
CA PHE A 776 1.65 -35.02 2.08
C PHE A 776 2.63 -35.40 0.99
N LEU A 777 3.92 -35.45 1.30
CA LEU A 777 4.93 -35.70 0.29
C LEU A 777 4.90 -37.13 -0.22
N ARG A 778 4.49 -38.07 0.63
CA ARG A 778 4.21 -39.42 0.17
C ARG A 778 2.88 -39.51 -0.57
N SER A 779 2.02 -38.51 -0.43
CA SER A 779 0.71 -38.49 -1.06
C SER A 779 0.70 -37.69 -2.36
N ILE A 780 1.82 -37.61 -3.06
CA ILE A 780 1.89 -36.90 -4.33
C ILE A 780 2.67 -37.73 -5.35
N GLY A 781 2.42 -37.45 -6.62
CA GLY A 781 3.10 -38.18 -7.67
C GLY A 781 4.58 -37.87 -7.74
N ARG A 782 5.32 -38.77 -8.37
CA ARG A 782 6.78 -38.68 -8.43
C ARG A 782 7.27 -38.99 -9.84
N SER A 783 6.61 -38.42 -10.83
CA SER A 783 6.97 -38.69 -12.23
C SER A 783 8.29 -38.03 -12.60
N THR A 824 25.07 -16.79 -23.60
CA THR A 824 24.47 -16.61 -24.92
C THR A 824 23.54 -15.40 -24.96
N PHE A 825 23.22 -14.86 -23.78
CA PHE A 825 22.32 -13.71 -23.69
C PHE A 825 23.05 -12.45 -24.12
N LYS A 826 22.46 -11.72 -25.06
CA LYS A 826 23.04 -10.47 -25.56
C LYS A 826 22.13 -9.32 -25.17
N PRO A 827 22.49 -8.51 -24.17
CA PRO A 827 21.67 -7.35 -23.83
C PRO A 827 21.50 -6.42 -25.02
N TRP A 828 20.31 -5.84 -25.15
CA TRP A 828 19.95 -5.07 -26.33
C TRP A 828 19.04 -3.92 -25.93
N GLN A 829 19.15 -2.81 -26.65
CA GLN A 829 18.46 -1.56 -26.32
C GLN A 829 17.11 -1.48 -27.01
N MET A 830 16.06 -1.20 -26.23
CA MET A 830 14.73 -0.92 -26.73
C MET A 830 14.13 0.25 -25.95
N LYS A 831 13.41 1.11 -26.66
CA LYS A 831 12.57 2.14 -26.06
C LYS A 831 11.12 1.81 -26.37
N THR A 832 10.22 2.33 -25.53
CA THR A 832 8.80 2.00 -25.67
C THR A 832 7.95 3.00 -24.92
N HIS A 833 6.96 3.57 -25.59
CA HIS A 833 5.98 4.43 -24.95
C HIS A 833 4.59 3.80 -25.03
N PHE A 834 3.95 3.65 -23.88
CA PHE A 834 2.61 3.11 -23.78
C PHE A 834 1.61 4.26 -23.74
N LEU A 835 0.80 4.37 -24.78
CA LEU A 835 -0.28 5.36 -24.79
C LEU A 835 -1.31 4.96 -23.75
N MET A 836 -1.48 5.80 -22.72
CA MET A 836 -2.43 5.55 -21.66
C MET A 836 -3.14 6.85 -21.34
N PRO A 837 -4.46 6.91 -21.39
CA PRO A 837 -5.16 8.17 -21.14
C PRO A 837 -5.10 8.57 -19.67
N PHE A 838 -3.95 9.06 -19.23
CA PHE A 838 -3.73 9.55 -17.88
C PHE A 838 -3.35 11.02 -17.93
N PRO A 839 -3.57 11.76 -16.86
CA PRO A 839 -3.06 13.13 -16.80
C PRO A 839 -1.55 13.18 -16.57
N VAL A 840 -1.05 12.29 -15.72
CA VAL A 840 0.33 12.34 -15.26
C VAL A 840 1.12 11.25 -15.97
N ASN A 841 2.45 11.27 -15.82
CA ASN A 841 3.33 10.38 -16.56
C ASN A 841 4.07 9.44 -15.62
N TYR A 842 4.48 8.30 -16.17
CA TYR A 842 5.25 7.28 -15.46
C TYR A 842 6.41 6.87 -16.35
N VAL A 843 7.63 7.08 -15.88
CA VAL A 843 8.84 6.94 -16.69
C VAL A 843 9.75 5.91 -16.03
N GLY A 844 10.30 5.02 -16.85
CA GLY A 844 11.24 4.03 -16.37
C GLY A 844 12.44 3.94 -17.29
N GLU A 845 13.57 3.50 -16.70
CA GLU A 845 14.82 3.34 -17.42
C GLU A 845 15.77 2.53 -16.55
N CYS A 846 16.48 1.59 -17.16
CA CYS A 846 17.26 0.62 -16.41
C CYS A 846 18.71 0.57 -16.89
N ILE A 847 19.59 0.16 -15.99
CA ILE A 847 21.01 0.00 -16.24
C ILE A 847 21.44 -1.35 -15.69
N ARG A 848 22.36 -2.02 -16.39
CA ARG A 848 22.74 -3.40 -16.08
C ARG A 848 24.05 -3.42 -15.30
N THR A 849 23.95 -3.60 -13.99
CA THR A 849 25.08 -3.65 -13.07
C THR A 849 25.52 -5.10 -12.85
N VAL A 850 26.29 -5.35 -11.79
CA VAL A 850 26.77 -6.69 -11.44
C VAL A 850 25.94 -7.27 -10.29
N PRO A 851 25.84 -8.61 -10.17
CA PRO A 851 24.94 -9.21 -9.19
C PRO A 851 25.44 -9.19 -7.75
N TYR A 852 24.69 -9.85 -6.87
CA TYR A 852 24.72 -9.55 -5.44
C TYR A 852 26.11 -9.78 -4.82
N THR A 853 26.74 -10.92 -5.06
CA THR A 853 28.04 -11.18 -4.43
C THR A 853 29.22 -10.45 -5.04
N ASP A 854 29.03 -9.81 -6.19
CA ASP A 854 30.12 -9.05 -6.78
C ASP A 854 30.52 -7.92 -5.84
N PRO A 855 31.82 -7.68 -5.65
CA PRO A 855 32.23 -6.58 -4.76
C PRO A 855 31.67 -5.23 -5.17
N ASP A 856 31.57 -4.94 -6.46
CA ASP A 856 31.05 -3.65 -6.90
C ASP A 856 29.58 -3.47 -6.53
N HIS A 857 28.79 -4.54 -6.57
CA HIS A 857 27.37 -4.42 -6.25
C HIS A 857 27.15 -3.84 -4.87
N ALA A 858 28.07 -4.10 -3.94
CA ALA A 858 27.92 -3.56 -2.60
C ALA A 858 27.97 -2.04 -2.60
N SER A 859 28.90 -1.46 -3.38
CA SER A 859 29.03 0.00 -3.38
C SER A 859 27.88 0.65 -4.11
N LEU A 860 27.36 0.01 -5.16
CA LEU A 860 26.27 0.61 -5.93
C LEU A 860 25.02 0.78 -5.07
N LYS A 861 24.79 -0.12 -4.12
CA LYS A 861 23.65 0.04 -3.23
C LYS A 861 23.81 1.22 -2.30
N ILE A 862 24.99 1.81 -2.23
CA ILE A 862 25.18 3.08 -1.54
C ILE A 862 25.01 4.25 -2.50
N LEU A 863 25.53 4.10 -3.72
CA LEU A 863 25.35 5.15 -4.72
C LEU A 863 23.89 5.33 -5.08
N ALA A 864 23.17 4.23 -5.27
CA ALA A 864 21.76 4.31 -5.65
C ALA A 864 20.94 5.04 -4.60
N ARG A 865 21.21 4.73 -3.32
CA ARG A 865 20.54 5.47 -2.25
C ARG A 865 21.08 6.89 -2.15
N LEU A 866 22.31 7.11 -2.63
CA LEU A 866 22.90 8.45 -2.56
C LEU A 866 22.28 9.37 -3.58
N MET A 867 22.15 8.91 -4.83
CA MET A 867 21.57 9.74 -5.88
C MET A 867 20.13 10.11 -5.55
N THR A 868 19.36 9.16 -5.03
CA THR A 868 17.97 9.44 -4.67
C THR A 868 17.88 10.50 -3.58
N ALA A 869 18.73 10.41 -2.56
CA ALA A 869 18.56 11.25 -1.39
C ALA A 869 19.07 12.67 -1.58
N LYS A 870 20.02 12.88 -2.49
CA LYS A 870 20.63 14.19 -2.66
C LYS A 870 20.18 14.89 -3.95
N PHE A 871 20.33 14.24 -5.09
CA PHE A 871 20.15 14.89 -6.38
C PHE A 871 18.77 14.65 -6.99
N LEU A 872 18.33 13.38 -7.04
CA LEU A 872 17.08 13.07 -7.72
C LEU A 872 15.87 13.59 -6.96
N HIS A 873 15.92 13.57 -5.63
CA HIS A 873 14.76 14.02 -4.86
C HIS A 873 14.52 15.51 -5.05
N THR A 874 15.57 16.25 -5.42
CA THR A 874 15.43 17.69 -5.64
C THR A 874 15.00 17.98 -7.07
N GLU A 875 15.77 17.50 -8.04
CA GLU A 875 15.52 17.82 -9.44
C GLU A 875 14.32 17.09 -10.02
N ILE A 876 13.54 16.36 -9.22
CA ILE A 876 12.35 15.67 -9.68
C ILE A 876 11.12 16.06 -8.88
N ARG A 877 11.18 15.89 -7.55
CA ARG A 877 10.00 16.17 -6.74
C ARG A 877 9.90 17.65 -6.37
N GLU A 878 10.99 18.26 -5.90
CA GLU A 878 10.90 19.63 -5.43
C GLU A 878 10.94 20.64 -6.58
N LYS A 879 11.40 20.22 -7.76
CA LYS A 879 11.49 21.11 -8.91
C LYS A 879 10.53 20.70 -10.02
N GLY A 880 10.61 19.45 -10.46
CA GLY A 880 9.78 19.00 -11.57
C GLY A 880 8.33 18.80 -11.20
N GLY A 881 7.99 18.85 -9.92
CA GLY A 881 6.62 18.76 -9.47
C GLY A 881 6.09 17.35 -9.33
N ALA A 882 6.87 16.33 -9.70
CA ALA A 882 6.39 14.96 -9.64
C ALA A 882 6.06 14.56 -8.21
N TYR A 883 5.30 13.46 -8.09
CA TYR A 883 5.05 12.90 -6.78
C TYR A 883 6.25 12.13 -6.24
N GLY A 884 7.00 11.47 -7.12
CA GLY A 884 8.15 10.71 -6.70
C GLY A 884 9.07 10.30 -7.84
N GLY A 885 10.34 10.10 -7.51
CA GLY A 885 11.31 9.67 -8.50
C GLY A 885 12.62 9.36 -7.82
N GLY A 886 13.45 8.60 -8.52
CA GLY A 886 14.75 8.23 -7.98
C GLY A 886 15.30 7.01 -8.69
N ALA A 887 16.12 6.26 -7.96
CA ALA A 887 16.77 5.09 -8.49
C ALA A 887 16.88 4.04 -7.40
N LYS A 888 16.92 2.78 -7.83
CA LYS A 888 17.16 1.67 -6.91
C LYS A 888 18.05 0.65 -7.59
N LEU A 889 18.72 -0.17 -6.77
CA LEU A 889 19.51 -1.29 -7.24
C LEU A 889 18.78 -2.56 -6.85
N SER A 890 18.17 -3.21 -7.84
CA SER A 890 17.43 -4.43 -7.59
C SER A 890 18.36 -5.53 -7.11
N HIS A 891 17.80 -6.47 -6.34
CA HIS A 891 18.59 -7.56 -5.76
C HIS A 891 19.28 -8.39 -6.82
N ASN A 892 18.80 -8.33 -8.07
N ASN A 892 18.82 -8.36 -8.08
CA ASN A 892 19.37 -9.03 -9.20
CA ASN A 892 19.49 -9.09 -9.14
C ASN A 892 20.50 -8.25 -9.86
C ASN A 892 20.47 -8.23 -9.91
N GLY A 893 20.59 -6.95 -9.61
CA GLY A 893 21.59 -6.11 -10.22
C GLY A 893 21.13 -5.20 -11.33
N ILE A 894 19.89 -4.72 -11.29
CA ILE A 894 19.37 -3.81 -12.29
C ILE A 894 19.29 -2.42 -11.67
N PHE A 895 20.05 -1.48 -12.21
CA PHE A 895 19.98 -0.09 -11.78
C PHE A 895 18.86 0.57 -12.55
N THR A 896 17.69 0.67 -11.93
CA THR A 896 16.50 1.20 -12.58
C THR A 896 16.28 2.65 -12.18
N LEU A 897 15.84 3.44 -13.15
CA LEU A 897 15.52 4.85 -12.94
C LEU A 897 14.04 5.04 -13.19
N TYR A 898 13.34 5.66 -12.24
CA TYR A 898 11.89 5.71 -12.29
C TYR A 898 11.39 7.09 -11.88
N SER A 899 10.14 7.36 -12.22
CA SER A 899 9.45 8.60 -11.84
C SER A 899 7.99 8.29 -11.59
N TYR A 900 7.44 8.86 -10.51
CA TYR A 900 6.07 8.58 -10.09
C TYR A 900 5.23 9.85 -10.23
N ARG A 901 4.24 9.80 -11.12
CA ARG A 901 3.33 10.92 -11.36
C ARG A 901 4.08 12.18 -11.77
N ASP A 902 4.73 12.10 -12.93
CA ASP A 902 5.59 13.18 -13.41
C ASP A 902 4.85 14.04 -14.43
N PRO A 903 4.67 15.33 -14.18
CA PRO A 903 4.03 16.19 -15.19
C PRO A 903 4.81 16.27 -16.49
N ASN A 904 6.10 15.99 -16.48
CA ASN A 904 6.91 16.07 -17.69
C ASN A 904 7.74 14.81 -17.83
N THR A 905 8.14 14.53 -19.07
CA THR A 905 8.91 13.33 -19.39
C THR A 905 10.33 13.66 -19.85
N ILE A 906 10.47 14.51 -20.87
CA ILE A 906 11.78 14.71 -21.49
C ILE A 906 12.76 15.33 -20.50
N GLU A 907 12.28 16.20 -19.61
CA GLU A 907 13.16 16.77 -18.60
C GLU A 907 13.71 15.68 -17.69
N THR A 908 12.86 14.72 -17.30
CA THR A 908 13.30 13.66 -16.39
C THR A 908 14.31 12.74 -17.05
N LEU A 909 14.09 12.39 -18.33
CA LEU A 909 15.12 11.65 -19.06
C LEU A 909 16.41 12.44 -19.12
N GLN A 910 16.32 13.76 -19.24
CA GLN A 910 17.50 14.61 -19.14
C GLN A 910 17.96 14.77 -17.69
N SER A 911 17.02 14.82 -16.75
CA SER A 911 17.41 14.85 -15.35
C SER A 911 18.10 13.55 -14.92
N PHE A 912 17.84 12.45 -15.64
CA PHE A 912 18.57 11.23 -15.37
C PHE A 912 19.98 11.29 -15.97
N GLY A 913 20.13 11.96 -17.11
CA GLY A 913 21.46 12.20 -17.64
C GLY A 913 22.31 13.02 -16.69
N LYS A 914 21.69 13.99 -16.02
CA LYS A 914 22.42 14.78 -15.04
C LYS A 914 22.64 14.02 -13.74
N ALA A 915 22.00 12.86 -13.60
CA ALA A 915 22.19 12.07 -12.38
C ALA A 915 23.53 11.36 -12.39
N VAL A 916 23.91 10.79 -13.53
CA VAL A 916 25.21 10.13 -13.63
C VAL A 916 26.33 11.15 -13.62
N ASP A 917 26.13 12.31 -14.26
CA ASP A 917 27.17 13.33 -14.29
C ASP A 917 27.48 13.84 -12.90
N TRP A 918 26.44 14.07 -12.10
CA TRP A 918 26.66 14.56 -10.73
C TRP A 918 27.42 13.54 -9.90
N ALA A 919 27.10 12.26 -10.03
CA ALA A 919 27.77 11.23 -9.25
C ALA A 919 29.20 11.02 -9.73
N LYS A 920 29.39 10.90 -11.04
CA LYS A 920 30.73 10.70 -11.57
C LYS A 920 31.67 11.85 -11.24
N SER A 921 31.13 13.03 -10.95
CA SER A 921 31.96 14.17 -10.56
C SER A 921 32.28 14.18 -9.07
N GLY A 922 31.65 13.31 -8.29
CA GLY A 922 32.00 13.21 -6.88
C GLY A 922 31.61 14.41 -6.05
N LYS A 923 30.61 15.17 -6.47
CA LYS A 923 30.25 16.41 -5.79
C LYS A 923 29.42 16.12 -4.54
N PHE A 924 29.99 15.29 -3.66
CA PHE A 924 29.36 14.95 -2.40
C PHE A 924 30.42 14.78 -1.32
N THR A 925 30.09 15.21 -0.11
CA THR A 925 31.01 15.16 1.01
C THR A 925 31.07 13.75 1.58
N GLN A 926 31.92 13.57 2.60
CA GLN A 926 32.02 12.28 3.24
C GLN A 926 30.81 11.95 4.09
N GLN A 927 30.21 12.94 4.75
CA GLN A 927 29.03 12.64 5.54
C GLN A 927 27.86 12.21 4.67
N ASP A 928 27.82 12.63 3.40
CA ASP A 928 26.79 12.13 2.50
C ASP A 928 26.84 10.62 2.38
N ILE A 929 28.05 10.06 2.26
CA ILE A 929 28.17 8.60 2.25
C ILE A 929 27.78 8.04 3.61
N ASP A 930 28.09 8.75 4.68
CA ASP A 930 27.59 8.35 6.00
C ASP A 930 26.07 8.38 6.03
N GLU A 931 25.45 9.24 5.22
CA GLU A 931 23.99 9.29 5.19
C GLU A 931 23.43 8.05 4.53
N ALA A 932 23.99 7.67 3.37
CA ALA A 932 23.46 6.52 2.64
C ALA A 932 23.59 5.23 3.43
N LYS A 933 24.72 5.05 4.12
CA LYS A 933 24.90 3.85 4.93
C LYS A 933 23.82 3.74 6.00
N LEU A 934 23.55 4.85 6.69
CA LEU A 934 22.48 4.83 7.69
C LEU A 934 21.13 4.49 7.06
N SER A 935 20.95 4.85 5.78
CA SER A 935 19.70 4.54 5.11
C SER A 935 19.61 3.07 4.76
N VAL A 936 20.58 2.57 4.00
CA VAL A 936 20.54 1.18 3.54
C VAL A 936 20.49 0.22 4.72
N PHE A 937 21.25 0.50 5.76
CA PHE A 937 21.23 -0.36 6.94
C PHE A 937 19.99 -0.17 7.80
N SER A 938 19.07 0.70 7.39
CA SER A 938 17.72 0.67 7.94
C SER A 938 16.75 -0.07 7.03
N THR A 939 17.15 -0.31 5.78
CA THR A 939 16.40 -1.13 4.82
C THR A 939 16.81 -2.59 4.90
N VAL A 940 18.11 -2.86 4.93
CA VAL A 940 18.59 -4.23 5.01
C VAL A 940 18.19 -4.87 6.33
N ASP A 941 18.18 -4.10 7.41
CA ASP A 941 17.80 -4.61 8.73
C ASP A 941 16.34 -4.32 9.06
N ALA A 942 15.47 -4.30 8.08
CA ALA A 942 14.05 -4.21 8.32
C ALA A 942 13.60 -5.46 9.07
N PRO A 943 12.93 -5.34 10.21
CA PRO A 943 12.62 -6.54 11.01
C PRO A 943 11.73 -7.50 10.24
N VAL A 944 11.96 -8.78 10.45
CA VAL A 944 11.22 -9.83 9.77
C VAL A 944 10.40 -10.58 10.80
N ALA A 945 9.18 -10.89 10.44
CA ALA A 945 8.22 -11.59 11.27
C ALA A 945 8.55 -13.07 11.35
N PRO A 946 8.14 -13.72 12.43
CA PRO A 946 8.34 -15.18 12.54
C PRO A 946 7.84 -15.96 11.34
N SER A 947 6.97 -15.36 10.54
CA SER A 947 6.35 -16.05 9.41
C SER A 947 7.28 -16.18 8.21
N ASP A 948 8.39 -15.45 8.18
CA ASP A 948 9.27 -15.46 7.01
C ASP A 948 10.73 -15.70 7.32
N LYS A 949 11.15 -15.73 8.58
CA LYS A 949 12.55 -16.03 8.90
C LYS A 949 12.73 -17.54 8.91
N GLY A 950 13.55 -18.04 8.00
CA GLY A 950 14.17 -17.22 6.98
C GLY A 950 13.77 -17.68 5.59
N MET A 951 12.99 -16.85 4.90
CA MET A 951 12.54 -17.19 3.55
C MET A 951 13.47 -16.68 2.48
N ASP A 952 14.48 -15.89 2.84
CA ASP A 952 15.48 -15.46 1.87
C ASP A 952 16.44 -16.59 1.51
N HIS A 953 16.86 -17.37 2.51
CA HIS A 953 17.68 -18.55 2.22
C HIS A 953 16.88 -19.60 1.46
N PHE A 954 15.61 -19.77 1.83
CA PHE A 954 14.79 -20.79 1.17
C PHE A 954 14.49 -20.40 -0.28
N LEU A 955 14.21 -19.13 -0.54
CA LEU A 955 13.95 -18.68 -1.90
C LEU A 955 15.24 -18.34 -2.65
N TYR A 956 15.99 -17.36 -2.15
CA TYR A 956 17.12 -16.84 -2.90
C TYR A 956 18.44 -17.54 -2.55
N GLY A 957 18.52 -18.17 -1.39
CA GLY A 957 19.75 -18.86 -1.02
C GLY A 957 20.80 -17.91 -0.47
N LEU A 958 20.47 -17.22 0.63
CA LEU A 958 21.41 -16.34 1.32
C LEU A 958 21.64 -16.91 2.71
N SER A 959 22.68 -17.72 2.85
CA SER A 959 23.12 -18.15 4.16
C SER A 959 23.71 -16.96 4.91
N ASP A 960 23.59 -17.00 6.25
CA ASP A 960 24.07 -15.89 7.05
C ASP A 960 25.58 -15.70 6.95
N GLU A 961 26.28 -16.61 6.28
CA GLU A 961 27.68 -16.37 5.93
C GLU A 961 27.79 -15.37 4.79
N MET A 962 26.81 -15.37 3.88
CA MET A 962 26.87 -14.47 2.74
C MET A 962 26.24 -13.12 3.05
N LYS A 963 25.30 -13.07 3.98
CA LYS A 963 24.79 -11.77 4.41
C LYS A 963 25.85 -10.98 5.15
N GLN A 964 26.52 -11.60 6.12
CA GLN A 964 27.58 -10.90 6.83
C GLN A 964 28.75 -10.58 5.91
N ALA A 965 28.94 -11.39 4.87
CA ALA A 965 29.96 -11.06 3.87
C ALA A 965 29.60 -9.77 3.13
N HIS A 966 28.33 -9.63 2.77
CA HIS A 966 27.89 -8.41 2.11
C HIS A 966 27.79 -7.24 3.08
N ARG A 967 27.36 -7.52 4.31
CA ARG A 967 27.22 -6.46 5.31
C ARG A 967 28.56 -5.77 5.58
N GLU A 968 29.67 -6.46 5.35
CA GLU A 968 30.96 -5.84 5.59
C GLU A 968 31.55 -5.25 4.33
N GLN A 969 31.04 -5.61 3.15
CA GLN A 969 31.41 -4.85 1.96
C GLN A 969 30.69 -3.51 1.92
N LEU A 970 29.71 -3.31 2.81
CA LEU A 970 29.03 -2.02 2.87
C LEU A 970 29.68 -1.09 3.88
N PHE A 971 30.17 -1.62 5.01
CA PHE A 971 30.97 -0.79 5.90
C PHE A 971 32.28 -0.37 5.27
N ALA A 972 32.78 -1.12 4.28
CA ALA A 972 34.05 -0.85 3.64
C ALA A 972 33.90 0.09 2.45
N VAL A 973 32.85 0.88 2.41
CA VAL A 973 32.57 1.78 1.30
C VAL A 973 33.20 3.14 1.61
N SER A 974 33.98 3.64 0.67
CA SER A 974 34.72 4.89 0.85
C SER A 974 34.48 5.78 -0.36
N HIS A 975 34.93 7.04 -0.23
CA HIS A 975 34.67 8.03 -1.27
C HIS A 975 35.29 7.62 -2.60
N ASP A 976 36.49 7.05 -2.57
CA ASP A 976 37.17 6.72 -3.82
C ASP A 976 36.46 5.59 -4.56
N LYS A 977 35.80 4.68 -3.85
CA LYS A 977 35.15 3.55 -4.51
C LYS A 977 33.91 3.99 -5.26
N LEU A 978 33.10 4.88 -4.66
CA LEU A 978 31.91 5.38 -5.33
C LEU A 978 32.28 6.06 -6.64
N LEU A 979 33.40 6.79 -6.65
CA LEU A 979 33.92 7.33 -7.90
C LEU A 979 34.36 6.20 -8.83
N ALA A 980 34.92 5.13 -8.26
CA ALA A 980 35.46 4.05 -9.08
C ALA A 980 34.35 3.20 -9.68
N VAL A 981 33.19 3.15 -9.03
CA VAL A 981 32.11 2.31 -9.54
C VAL A 981 31.19 3.11 -10.45
N SER A 982 31.01 4.39 -10.16
CA SER A 982 30.09 5.21 -10.96
C SER A 982 30.58 5.33 -12.39
N ASP A 983 31.85 5.65 -12.57
CA ASP A 983 32.38 5.80 -13.92
C ASP A 983 32.47 4.47 -14.66
N ARG A 984 32.42 3.36 -13.93
CA ARG A 984 32.51 2.06 -14.58
C ARG A 984 31.20 1.67 -15.26
N TYR A 985 30.10 1.68 -14.50
CA TYR A 985 28.84 1.14 -14.98
C TYR A 985 27.89 2.21 -15.52
N LEU A 986 27.64 3.27 -14.74
CA LEU A 986 26.60 4.24 -15.10
C LEU A 986 26.99 5.14 -16.25
N GLY A 987 28.24 5.15 -16.67
CA GLY A 987 28.66 6.06 -17.73
C GLY A 987 28.09 5.68 -19.07
N THR A 988 28.18 6.63 -20.01
CA THR A 988 27.69 6.42 -21.36
C THR A 988 28.61 5.44 -22.11
N GLY A 989 27.99 4.60 -22.92
CA GLY A 989 28.72 3.57 -23.64
C GLY A 989 29.26 2.46 -22.77
N LYS A 990 28.91 2.43 -21.49
CA LYS A 990 29.42 1.44 -20.56
C LYS A 990 28.43 0.33 -20.23
N SER A 991 27.18 0.46 -20.67
CA SER A 991 26.17 -0.56 -20.41
C SER A 991 25.07 -0.40 -21.46
N THR A 992 23.95 -1.06 -21.23
CA THR A 992 22.79 -0.97 -22.11
C THR A 992 21.65 -0.28 -21.37
N HIS A 993 20.85 0.48 -22.12
CA HIS A 993 19.85 1.37 -21.55
C HIS A 993 18.49 1.08 -22.16
N GLY A 994 17.60 0.44 -21.39
CA GLY A 994 16.23 0.19 -21.80
C GLY A 994 15.30 1.22 -21.18
N LEU A 995 14.45 1.80 -22.03
CA LEU A 995 13.58 2.90 -21.63
C LEU A 995 12.13 2.55 -21.90
N ALA A 996 11.24 3.04 -21.02
CA ALA A 996 9.81 2.79 -21.16
C ALA A 996 9.06 3.85 -20.37
N ILE A 997 8.07 4.48 -21.02
CA ILE A 997 7.30 5.57 -20.42
C ILE A 997 5.83 5.31 -20.61
N LEU A 998 5.06 5.44 -19.52
CA LEU A 998 3.61 5.44 -19.54
C LEU A 998 3.11 6.86 -19.36
N GLY A 999 2.18 7.30 -20.22
CA GLY A 999 1.60 8.61 -20.08
C GLY A 999 0.85 9.07 -21.32
N PRO A 1000 0.15 10.20 -21.18
CA PRO A 1000 -0.63 10.73 -22.31
C PRO A 1000 0.21 10.99 -23.55
N GLU A 1001 -0.43 11.06 -24.71
CA GLU A 1001 0.32 11.24 -25.95
C GLU A 1001 1.06 12.57 -25.92
N ASN A 1002 2.24 12.59 -26.55
CA ASN A 1002 3.12 13.74 -26.51
C ASN A 1002 3.73 13.90 -27.90
N PRO A 1003 3.71 15.11 -28.46
CA PRO A 1003 4.21 15.29 -29.83
C PRO A 1003 5.68 14.93 -30.00
N LYS A 1004 6.55 15.47 -29.16
CA LYS A 1004 7.98 15.24 -29.31
C LYS A 1004 8.33 13.76 -29.14
N ILE A 1005 7.72 13.11 -28.15
CA ILE A 1005 8.03 11.71 -27.88
C ILE A 1005 7.67 10.83 -29.08
N ALA A 1006 6.50 11.05 -29.66
CA ALA A 1006 6.05 10.24 -30.78
C ALA A 1006 6.80 10.54 -32.07
N LYS A 1007 7.61 11.60 -32.10
CA LYS A 1007 8.31 11.99 -33.32
C LYS A 1007 9.58 11.16 -33.53
N ASP A 1008 10.32 10.88 -32.48
CA ASP A 1008 11.65 10.30 -32.61
C ASP A 1008 11.58 8.90 -33.21
N PRO A 1009 12.23 8.65 -34.36
CA PRO A 1009 12.21 7.30 -34.94
C PRO A 1009 12.93 6.26 -34.10
N SER A 1010 13.77 6.67 -33.14
CA SER A 1010 14.45 5.73 -32.26
C SER A 1010 13.56 5.24 -31.13
N TRP A 1011 12.25 5.44 -31.23
CA TRP A 1011 11.30 5.05 -30.21
C TRP A 1011 10.27 4.09 -30.77
N ILE A 1012 9.69 3.29 -29.88
CA ILE A 1012 8.61 2.38 -30.22
C ILE A 1012 7.36 2.81 -29.46
N ILE A 1013 6.25 2.95 -30.18
CA ILE A 1013 5.01 3.45 -29.61
C ILE A 1013 4.05 2.29 -29.45
N ARG A 1014 3.68 1.99 -28.21
CA ARG A 1014 2.70 0.95 -27.91
C ARG A 1014 1.72 1.45 -26.86
N PHE B 19 7.61 9.34 -0.05
CA PHE B 19 6.37 10.07 -0.32
C PHE B 19 5.27 9.70 0.67
N PHE B 20 4.27 10.57 0.80
CA PHE B 20 3.20 10.40 1.76
C PHE B 20 1.82 10.61 1.13
N ALA B 21 1.06 9.52 1.06
CA ALA B 21 -0.36 9.50 0.73
C ALA B 21 -1.14 10.04 1.93
N UNK C 1 -12.97 -4.16 12.76
CA UNK C 1 -12.49 -5.23 11.88
C UNK C 1 -11.75 -6.30 12.66
N UNK C 2 -10.70 -6.85 12.04
CA UNK C 2 -9.88 -7.90 12.64
C UNK C 2 -8.59 -8.01 11.86
N UNK C 3 -7.62 -7.13 12.11
CA UNK C 3 -6.40 -7.18 11.32
C UNK C 3 -5.24 -6.50 12.06
#